data_5K9Z
#
_entry.id   5K9Z
#
_cell.length_a   86.290
_cell.length_b   54.760
_cell.length_c   115.730
_cell.angle_alpha   90.000
_cell.angle_beta   100.250
_cell.angle_gamma   90.000
#
_symmetry.space_group_name_H-M   'P 1 21 1'
#
loop_
_entity.id
_entity.type
_entity.pdbx_description
1 polymer 'Putative short-chain dehydrogenase/reductase'
2 non-polymer GLYCEROL
3 water water
#
_entity_poly.entity_id   1
_entity_poly.type   'polypeptide(L)'
_entity_poly.pdbx_seq_one_letter_code
;MAHHHHHHMSERLKDRVALVTGAASGIGAATARLMAQEGAFVVLADVDEHAGQALARELRDATFAYTDVSVEAQVAAAVD
EALRLHGRLDCMVNNAGFVGAYGSILETSAAAWHATLGVLLDGVFYGIKHAARAMVKQGSGCILSVASTAGVMGGLGPHA
YTSAKHAVIGLTRSAASELAPRGVRVNAVAPGTTVTEMMVQGRGSRQAAIDAATRASPLGTPLMPQEIAAALVYLASDDA
RHVNAHTLVVDSGVTVAGASGGAVFHNRPAGFMGRMPGGANADAR
;
_entity_poly.pdbx_strand_id   A,B,C,D
#
loop_
_chem_comp.id
_chem_comp.type
_chem_comp.name
_chem_comp.formula
GOL non-polymer GLYCEROL 'C3 H8 O3'
#
# COMPACT_ATOMS: atom_id res chain seq x y z
N GLU A 11 33.08 -10.08 4.85
CA GLU A 11 32.65 -11.07 5.83
C GLU A 11 31.60 -10.52 6.82
N ARG A 12 30.42 -10.18 6.31
CA ARG A 12 29.37 -9.58 7.12
C ARG A 12 28.63 -10.57 8.00
N LEU A 13 28.81 -11.88 7.79
CA LEU A 13 28.14 -12.90 8.57
C LEU A 13 29.14 -13.86 9.19
N LYS A 14 30.29 -13.32 9.61
CA LYS A 14 31.37 -14.13 10.14
C LYS A 14 30.90 -14.93 11.34
N ASP A 15 31.02 -16.25 11.24
CA ASP A 15 30.65 -17.20 12.29
C ASP A 15 29.15 -17.17 12.63
N ARG A 16 28.32 -16.57 11.77
CA ARG A 16 26.89 -16.76 11.91
C ARG A 16 26.48 -18.13 11.38
N VAL A 17 25.35 -18.62 11.88
CA VAL A 17 24.79 -19.89 11.47
C VAL A 17 23.50 -19.60 10.70
N ALA A 18 23.47 -20.00 9.44
CA ALA A 18 22.32 -19.77 8.59
C ALA A 18 21.75 -21.11 8.12
N LEU A 19 20.43 -21.18 8.08
CA LEU A 19 19.71 -22.31 7.48
C LEU A 19 18.94 -21.79 6.28
N VAL A 20 19.20 -22.35 5.11
CA VAL A 20 18.61 -21.93 3.84
C VAL A 20 17.82 -23.09 3.26
N THR A 21 16.51 -22.90 3.07
CA THR A 21 15.69 -23.91 2.43
C THR A 21 15.66 -23.70 0.92
N GLY A 22 15.29 -24.77 0.20
CA GLY A 22 15.41 -24.76 -1.24
C GLY A 22 16.81 -24.43 -1.71
N ALA A 23 17.82 -24.86 -0.95
CA ALA A 23 19.19 -24.39 -1.13
C ALA A 23 19.91 -25.01 -2.33
N ALA A 24 19.31 -25.97 -3.01
CA ALA A 24 20.06 -26.71 -4.03
C ALA A 24 20.02 -26.06 -5.40
N SER A 25 19.24 -25.02 -5.60
CA SER A 25 19.16 -24.39 -6.91
C SER A 25 18.72 -22.94 -6.76
N GLY A 26 18.77 -22.22 -7.88
CA GLY A 26 18.22 -20.88 -7.99
C GLY A 26 18.66 -19.94 -6.88
N ILE A 27 17.68 -19.23 -6.33
CA ILE A 27 17.95 -18.25 -5.27
C ILE A 27 18.56 -18.92 -4.04
N GLY A 28 18.06 -20.12 -3.71
CA GLY A 28 18.55 -20.78 -2.51
C GLY A 28 20.03 -21.10 -2.58
N ALA A 29 20.48 -21.66 -3.71
CA ALA A 29 21.90 -21.95 -3.89
C ALA A 29 22.73 -20.68 -3.88
N ALA A 30 22.27 -19.64 -4.57
CA ALA A 30 23.00 -18.38 -4.59
C ALA A 30 23.13 -17.80 -3.18
N THR A 31 22.08 -17.94 -2.37
CA THR A 31 22.12 -17.45 -0.99
C THR A 31 23.08 -18.27 -0.13
N ALA A 32 23.02 -19.60 -0.23
CA ALA A 32 23.96 -20.44 0.50
C ALA A 32 25.40 -20.09 0.13
N ARG A 33 25.68 -19.97 -1.17
CA ARG A 33 27.03 -19.61 -1.61
C ARG A 33 27.45 -18.27 -1.03
N LEU A 34 26.60 -17.25 -1.14
CA LEU A 34 26.99 -15.91 -0.73
C LEU A 34 27.16 -15.83 0.79
N MET A 35 26.25 -16.46 1.54
CA MET A 35 26.38 -16.45 2.99
C MET A 35 27.64 -17.18 3.43
N ALA A 36 27.96 -18.30 2.77
CA ALA A 36 29.22 -18.96 3.07
C ALA A 36 30.41 -18.06 2.74
N GLN A 37 30.37 -17.42 1.58
CA GLN A 37 31.43 -16.47 1.25
C GLN A 37 31.52 -15.34 2.27
N GLU A 38 30.39 -14.93 2.84
CA GLU A 38 30.36 -13.89 3.87
C GLU A 38 30.73 -14.41 5.26
N GLY A 39 31.17 -15.67 5.36
CA GLY A 39 31.70 -16.20 6.60
C GLY A 39 30.75 -17.00 7.46
N ALA A 40 29.56 -17.33 6.96
CA ALA A 40 28.57 -18.06 7.74
C ALA A 40 28.80 -19.55 7.66
N PHE A 41 28.39 -20.26 8.71
CA PHE A 41 28.18 -21.70 8.66
C PHE A 41 26.76 -21.92 8.13
N VAL A 42 26.64 -22.65 7.02
CA VAL A 42 25.38 -22.78 6.30
C VAL A 42 24.88 -24.21 6.43
N VAL A 43 23.62 -24.37 6.81
CA VAL A 43 22.94 -25.64 6.71
C VAL A 43 22.03 -25.55 5.49
N LEU A 44 22.29 -26.41 4.50
CA LEU A 44 21.52 -26.41 3.26
C LEU A 44 20.38 -27.41 3.38
N ALA A 45 19.15 -26.95 3.18
CA ALA A 45 17.96 -27.79 3.27
C ALA A 45 17.25 -27.80 1.91
N ASP A 46 16.92 -29.00 1.41
CA ASP A 46 16.24 -29.13 0.14
C ASP A 46 15.78 -30.58 0.01
N VAL A 47 14.94 -30.83 -1.01
CA VAL A 47 14.57 -32.20 -1.34
C VAL A 47 15.43 -32.80 -2.45
N ASP A 48 16.29 -32.01 -3.09
CA ASP A 48 17.18 -32.51 -4.13
C ASP A 48 18.47 -32.96 -3.44
N GLU A 49 18.54 -34.24 -3.11
CA GLU A 49 19.64 -34.73 -2.28
C GLU A 49 20.97 -34.67 -3.03
N HIS A 50 20.99 -35.10 -4.30
CA HIS A 50 22.24 -35.12 -5.04
C HIS A 50 22.79 -33.72 -5.24
N ALA A 51 21.96 -32.78 -5.70
CA ALA A 51 22.43 -31.41 -5.85
C ALA A 51 22.74 -30.77 -4.51
N GLY A 52 21.92 -31.06 -3.49
CA GLY A 52 22.18 -30.49 -2.18
C GLY A 52 23.50 -30.97 -1.59
N GLN A 53 23.77 -32.26 -1.69
CA GLN A 53 25.04 -32.78 -1.19
C GLN A 53 26.21 -32.21 -1.99
N ALA A 54 26.04 -32.03 -3.30
CA ALA A 54 27.14 -31.51 -4.11
C ALA A 54 27.51 -30.10 -3.68
N LEU A 55 26.50 -29.27 -3.43
CA LEU A 55 26.76 -27.90 -2.97
C LEU A 55 27.36 -27.89 -1.57
N ALA A 56 26.92 -28.80 -0.70
CA ALA A 56 27.52 -28.90 0.63
C ALA A 56 29.00 -29.26 0.53
N ARG A 57 29.36 -30.12 -0.42
CA ARG A 57 30.77 -30.45 -0.62
CA ARG A 57 30.77 -30.45 -0.63
C ARG A 57 31.54 -29.24 -1.14
N GLU A 58 30.90 -28.43 -1.97
CA GLU A 58 31.57 -27.28 -2.57
C GLU A 58 31.86 -26.19 -1.55
N LEU A 59 30.92 -25.92 -0.63
CA LEU A 59 31.05 -24.82 0.31
C LEU A 59 31.75 -25.26 1.59
N ARG A 60 32.65 -24.41 2.08
CA ARG A 60 33.35 -24.71 3.32
C ARG A 60 32.39 -24.67 4.50
N ASP A 61 32.42 -25.73 5.30
CA ASP A 61 31.70 -25.84 6.58
C ASP A 61 30.19 -25.83 6.40
N ALA A 62 29.70 -26.16 5.23
CA ALA A 62 28.27 -26.31 4.98
C ALA A 62 27.89 -27.78 5.07
N THR A 63 26.64 -28.04 5.47
CA THR A 63 26.11 -29.39 5.52
C THR A 63 24.72 -29.40 4.89
N PHE A 64 24.32 -30.57 4.39
CA PHE A 64 23.02 -30.71 3.76
C PHE A 64 22.08 -31.49 4.68
N ALA A 65 20.82 -31.09 4.71
CA ALA A 65 19.79 -31.77 5.50
C ALA A 65 18.55 -31.90 4.63
N TYR A 66 18.18 -33.13 4.28
CA TYR A 66 16.99 -33.34 3.46
C TYR A 66 15.80 -32.72 4.15
N THR A 67 15.10 -31.81 3.45
CA THR A 67 14.00 -31.09 4.06
C THR A 67 12.95 -30.77 3.01
N ASP A 68 11.77 -31.37 3.17
CA ASP A 68 10.56 -30.97 2.46
C ASP A 68 9.83 -29.98 3.36
N VAL A 69 9.84 -28.69 2.99
CA VAL A 69 9.31 -27.67 3.87
C VAL A 69 7.80 -27.77 4.04
N SER A 70 7.10 -28.56 3.22
CA SER A 70 5.68 -28.78 3.46
C SER A 70 5.41 -29.72 4.63
N VAL A 71 6.45 -30.33 5.20
CA VAL A 71 6.33 -31.27 6.30
C VAL A 71 6.94 -30.62 7.52
N GLU A 72 6.09 -30.30 8.50
CA GLU A 72 6.57 -29.52 9.64
C GLU A 72 7.71 -30.23 10.38
N ALA A 73 7.59 -31.55 10.57
CA ALA A 73 8.61 -32.28 11.31
C ALA A 73 9.98 -32.14 10.65
N GLN A 74 10.01 -32.08 9.31
CA GLN A 74 11.30 -31.96 8.62
C GLN A 74 11.89 -30.57 8.79
N VAL A 75 11.04 -29.54 8.79
CA VAL A 75 11.52 -28.19 9.07
C VAL A 75 12.06 -28.10 10.49
N ALA A 76 11.32 -28.66 11.45
CA ALA A 76 11.81 -28.66 12.83
C ALA A 76 13.12 -29.43 12.94
N ALA A 77 13.22 -30.56 12.23
CA ALA A 77 14.43 -31.37 12.28
C ALA A 77 15.62 -30.64 11.66
N ALA A 78 15.38 -29.82 10.63
CA ALA A 78 16.48 -29.05 10.06
C ALA A 78 16.98 -28.00 11.04
N VAL A 79 16.07 -27.30 11.70
CA VAL A 79 16.46 -26.36 12.76
C VAL A 79 17.21 -27.09 13.86
N ASP A 80 16.68 -28.23 14.32
CA ASP A 80 17.34 -29.01 15.37
C ASP A 80 18.73 -29.47 14.95
N GLU A 81 18.89 -29.89 13.69
CA GLU A 81 20.21 -30.28 13.21
C GLU A 81 21.18 -29.09 13.20
N ALA A 82 20.71 -27.92 12.77
CA ALA A 82 21.55 -26.73 12.86
C ALA A 82 22.01 -26.50 14.30
N LEU A 83 21.10 -26.64 15.28
CA LEU A 83 21.48 -26.45 16.67
C LEU A 83 22.43 -27.55 17.14
N ARG A 84 22.19 -28.81 16.72
CA ARG A 84 23.09 -29.88 17.14
C ARG A 84 24.50 -29.63 16.64
N LEU A 85 24.64 -29.15 15.40
CA LEU A 85 25.95 -28.96 14.80
C LEU A 85 26.66 -27.74 15.38
N HIS A 86 25.92 -26.64 15.60
CA HIS A 86 26.57 -25.37 15.91
C HIS A 86 26.12 -24.72 17.20
N GLY A 87 25.06 -25.21 17.85
CA GLY A 87 24.63 -24.67 19.12
C GLY A 87 23.85 -23.37 19.05
N ARG A 88 23.66 -22.79 17.86
CA ARG A 88 22.87 -21.58 17.69
C ARG A 88 22.43 -21.46 16.24
N LEU A 89 21.37 -20.66 16.04
CA LEU A 89 20.84 -20.35 14.71
C LEU A 89 20.66 -18.85 14.61
N ASP A 90 21.37 -18.22 13.69
CA ASP A 90 21.31 -16.77 13.56
C ASP A 90 20.38 -16.30 12.47
N CYS A 91 20.26 -17.05 11.39
CA CYS A 91 19.49 -16.60 10.25
C CYS A 91 18.75 -17.78 9.63
N MET A 92 17.46 -17.60 9.42
CA MET A 92 16.62 -18.59 8.75
C MET A 92 16.14 -18.00 7.44
N VAL A 93 16.30 -18.75 6.34
CA VAL A 93 15.84 -18.30 5.03
C VAL A 93 14.79 -19.28 4.53
N ASN A 94 13.53 -18.84 4.49
CA ASN A 94 12.43 -19.65 3.97
C ASN A 94 12.33 -19.42 2.47
N ASN A 95 12.91 -20.33 1.69
CA ASN A 95 12.98 -20.16 0.25
C ASN A 95 12.52 -21.44 -0.46
N ALA A 96 11.77 -21.27 -1.54
CA ALA A 96 11.36 -22.43 -2.35
C ALA A 96 11.32 -22.04 -3.83
N GLY A 97 11.99 -22.83 -4.66
CA GLY A 97 11.88 -22.64 -6.11
C GLY A 97 10.68 -23.41 -6.65
N PHE A 98 9.49 -22.85 -6.50
CA PHE A 98 8.27 -23.62 -6.66
C PHE A 98 7.14 -22.68 -7.03
N VAL A 99 6.29 -23.11 -7.96
CA VAL A 99 5.15 -22.32 -8.44
C VAL A 99 3.82 -23.00 -8.11
N GLY A 100 3.67 -24.26 -8.48
CA GLY A 100 2.47 -25.01 -8.14
C GLY A 100 1.38 -24.83 -9.16
N ALA A 101 0.16 -24.60 -8.68
CA ALA A 101 -1.02 -24.59 -9.55
C ALA A 101 -0.99 -23.42 -10.53
N TYR A 102 -1.42 -23.69 -11.77
CA TYR A 102 -1.57 -22.64 -12.78
C TYR A 102 -2.85 -22.86 -13.58
N GLY A 103 -3.22 -21.84 -14.34
CA GLY A 103 -4.45 -21.85 -15.12
C GLY A 103 -5.62 -21.17 -14.40
N SER A 104 -6.81 -21.33 -14.98
CA SER A 104 -7.99 -20.57 -14.58
C SER A 104 -8.46 -20.91 -13.16
N ILE A 105 -8.89 -19.87 -12.43
CA ILE A 105 -9.43 -20.12 -11.10
C ILE A 105 -10.69 -20.99 -11.20
N LEU A 106 -11.38 -20.95 -12.35
CA LEU A 106 -12.59 -21.76 -12.53
C LEU A 106 -12.30 -23.25 -12.47
N GLU A 107 -11.07 -23.67 -12.76
CA GLU A 107 -10.74 -25.08 -12.88
CA GLU A 107 -10.71 -25.07 -12.92
C GLU A 107 -9.62 -25.52 -11.94
N THR A 108 -9.24 -24.69 -11.00
CA THR A 108 -8.18 -25.07 -10.07
C THR A 108 -8.76 -26.02 -9.03
N SER A 109 -8.18 -27.21 -8.90
CA SER A 109 -8.70 -28.18 -7.94
C SER A 109 -8.26 -27.80 -6.53
N ALA A 110 -9.04 -28.25 -5.54
CA ALA A 110 -8.62 -28.03 -4.16
C ALA A 110 -7.27 -28.69 -3.88
N ALA A 111 -7.01 -29.84 -4.49
CA ALA A 111 -5.75 -30.53 -4.27
C ALA A 111 -4.57 -29.71 -4.76
N ALA A 112 -4.69 -29.13 -5.96
CA ALA A 112 -3.61 -28.29 -6.47
C ALA A 112 -3.42 -27.04 -5.61
N TRP A 113 -4.53 -26.43 -5.19
CA TRP A 113 -4.49 -25.29 -4.27
C TRP A 113 -3.74 -25.63 -2.98
N HIS A 114 -4.14 -26.72 -2.31
CA HIS A 114 -3.53 -27.10 -1.04
C HIS A 114 -2.05 -27.47 -1.20
N ALA A 115 -1.72 -28.21 -2.26
CA ALA A 115 -0.32 -28.55 -2.52
C ALA A 115 0.54 -27.30 -2.71
N THR A 116 0.01 -26.29 -3.41
CA THR A 116 0.77 -25.06 -3.61
C THR A 116 0.99 -24.32 -2.29
N LEU A 117 -0.08 -24.14 -1.51
CA LEU A 117 0.02 -23.44 -0.23
C LEU A 117 0.85 -24.23 0.78
N GLY A 118 0.86 -25.57 0.64
CA GLY A 118 1.67 -26.38 1.55
C GLY A 118 3.14 -26.05 1.48
N VAL A 119 3.65 -25.83 0.27
CA VAL A 119 5.03 -25.44 0.09
C VAL A 119 5.23 -23.96 0.34
N LEU A 120 4.44 -23.10 -0.33
CA LEU A 120 4.74 -21.67 -0.37
C LEU A 120 4.29 -20.93 0.88
N LEU A 121 3.33 -21.47 1.63
CA LEU A 121 2.86 -20.78 2.84
C LEU A 121 3.11 -21.59 4.10
N ASP A 122 2.68 -22.86 4.15
CA ASP A 122 2.94 -23.66 5.34
C ASP A 122 4.42 -23.75 5.62
N GLY A 123 5.23 -23.92 4.57
CA GLY A 123 6.67 -24.01 4.78
C GLY A 123 7.22 -22.77 5.46
N VAL A 124 6.68 -21.60 5.13
CA VAL A 124 7.11 -20.37 5.77
C VAL A 124 6.65 -20.34 7.22
N PHE A 125 5.39 -20.71 7.47
CA PHE A 125 4.90 -20.78 8.85
C PHE A 125 5.75 -21.74 9.68
N TYR A 126 6.01 -22.94 9.16
CA TYR A 126 6.83 -23.89 9.91
C TYR A 126 8.23 -23.34 10.14
N GLY A 127 8.79 -22.68 9.13
CA GLY A 127 10.12 -22.10 9.28
C GLY A 127 10.18 -21.01 10.33
N ILE A 128 9.19 -20.11 10.33
CA ILE A 128 9.19 -19.04 11.32
C ILE A 128 8.96 -19.62 12.72
N LYS A 129 7.99 -20.53 12.85
CA LYS A 129 7.69 -21.13 14.14
C LYS A 129 8.94 -21.76 14.76
N HIS A 130 9.61 -22.64 14.01
CA HIS A 130 10.70 -23.42 14.61
C HIS A 130 12.00 -22.65 14.71
N ALA A 131 12.30 -21.80 13.74
CA ALA A 131 13.46 -20.92 13.88
C ALA A 131 13.27 -19.96 15.06
N ALA A 132 12.06 -19.43 15.23
CA ALA A 132 11.84 -18.49 16.32
C ALA A 132 12.02 -19.17 17.67
N ARG A 133 11.61 -20.44 17.78
CA ARG A 133 11.85 -21.19 19.01
C ARG A 133 13.32 -21.18 19.37
N ALA A 134 14.21 -21.39 18.39
CA ALA A 134 15.63 -21.38 18.66
C ALA A 134 16.14 -19.97 18.98
N MET A 135 15.61 -18.95 18.31
CA MET A 135 16.19 -17.61 18.37
C MET A 135 15.76 -16.83 19.61
N VAL A 136 14.52 -17.00 20.08
CA VAL A 136 14.07 -16.23 21.24
C VAL A 136 14.88 -16.59 22.46
N LYS A 137 15.42 -17.82 22.52
CA LYS A 137 16.36 -18.14 23.59
C LYS A 137 17.63 -17.34 23.49
N GLN A 138 18.14 -17.14 22.26
CA GLN A 138 19.31 -16.31 22.04
C GLN A 138 19.05 -14.85 22.35
N GLY A 139 17.81 -14.39 22.16
CA GLY A 139 17.56 -12.97 22.18
C GLY A 139 18.00 -12.25 20.92
N SER A 140 18.19 -12.97 19.82
CA SER A 140 18.64 -12.38 18.58
C SER A 140 18.36 -13.36 17.46
N GLY A 141 18.33 -12.85 16.25
CA GLY A 141 18.10 -13.68 15.10
C GLY A 141 17.35 -12.94 14.01
N CYS A 142 17.40 -13.53 12.82
CA CYS A 142 16.87 -12.92 11.61
C CYS A 142 16.15 -14.01 10.82
N ILE A 143 14.84 -13.85 10.62
CA ILE A 143 14.05 -14.78 9.82
C ILE A 143 13.65 -14.08 8.54
N LEU A 144 14.02 -14.67 7.41
CA LEU A 144 13.85 -14.06 6.09
C LEU A 144 13.10 -15.02 5.19
N SER A 145 12.12 -14.50 4.45
CA SER A 145 11.35 -15.32 3.52
C SER A 145 11.48 -14.74 2.11
N VAL A 146 11.65 -15.62 1.14
CA VAL A 146 11.70 -15.20 -0.26
C VAL A 146 10.27 -15.24 -0.76
N ALA A 147 9.64 -14.06 -0.81
CA ALA A 147 8.28 -13.97 -1.33
C ALA A 147 8.40 -13.75 -2.84
N SER A 148 7.80 -12.67 -3.35
CA SER A 148 7.71 -12.37 -4.77
C SER A 148 6.95 -11.07 -4.88
N THR A 149 7.12 -10.36 -6.00
CA THR A 149 6.23 -9.24 -6.28
C THR A 149 4.78 -9.67 -6.40
N ALA A 150 4.52 -10.94 -6.72
CA ALA A 150 3.15 -11.44 -6.65
C ALA A 150 2.59 -11.43 -5.23
N GLY A 151 3.42 -11.20 -4.22
CA GLY A 151 2.88 -10.99 -2.90
C GLY A 151 2.43 -9.58 -2.61
N VAL A 152 2.72 -8.63 -3.50
CA VAL A 152 2.33 -7.25 -3.32
C VAL A 152 1.29 -6.78 -4.34
N MET A 153 1.09 -7.50 -5.46
CA MET A 153 -0.01 -7.13 -6.34
C MET A 153 -0.43 -8.32 -7.20
N GLY A 154 -1.63 -8.19 -7.79
CA GLY A 154 -2.16 -9.22 -8.65
C GLY A 154 -1.70 -9.06 -10.08
N GLY A 155 -2.01 -10.07 -10.88
CA GLY A 155 -1.68 -10.06 -12.29
C GLY A 155 -0.26 -10.43 -12.61
N LEU A 156 0.54 -10.84 -11.63
CA LEU A 156 1.95 -11.15 -11.85
C LEU A 156 2.29 -12.62 -11.71
N GLY A 157 1.38 -13.45 -11.21
CA GLY A 157 1.62 -14.86 -11.12
C GLY A 157 0.31 -15.60 -10.97
N PRO A 158 0.36 -16.93 -10.95
CA PRO A 158 -0.87 -17.72 -10.81
C PRO A 158 -1.62 -17.36 -9.54
N HIS A 159 -2.88 -17.83 -9.48
CA HIS A 159 -3.77 -17.46 -8.39
C HIS A 159 -3.27 -17.98 -7.05
N ALA A 160 -2.93 -19.29 -6.98
CA ALA A 160 -2.49 -19.85 -5.72
C ALA A 160 -1.16 -19.24 -5.29
N TYR A 161 -0.26 -19.08 -6.26
CA TYR A 161 1.01 -18.43 -6.03
C TYR A 161 0.81 -17.05 -5.42
N THR A 162 -0.07 -16.26 -6.01
CA THR A 162 -0.29 -14.88 -5.56
C THR A 162 -0.93 -14.84 -4.16
N SER A 163 -1.88 -15.72 -3.90
CA SER A 163 -2.47 -15.78 -2.56
C SER A 163 -1.44 -16.19 -1.52
N ALA A 164 -0.68 -17.25 -1.80
CA ALA A 164 0.34 -17.71 -0.86
C ALA A 164 1.36 -16.60 -0.58
N LYS A 165 1.82 -15.91 -1.63
CA LYS A 165 2.85 -14.90 -1.44
C LYS A 165 2.33 -13.70 -0.68
N HIS A 166 1.09 -13.28 -0.94
CA HIS A 166 0.49 -12.26 -0.08
C HIS A 166 0.42 -12.75 1.36
N ALA A 167 0.06 -14.01 1.56
CA ALA A 167 0.00 -14.58 2.89
C ALA A 167 1.36 -14.56 3.56
N VAL A 168 2.43 -14.83 2.81
CA VAL A 168 3.77 -14.80 3.37
C VAL A 168 4.14 -13.38 3.83
N ILE A 169 3.75 -12.37 3.06
CA ILE A 169 3.98 -10.99 3.50
CA ILE A 169 4.01 -11.01 3.52
C ILE A 169 3.19 -10.71 4.77
N GLY A 170 1.94 -11.15 4.81
CA GLY A 170 1.15 -10.96 6.03
C GLY A 170 1.74 -11.68 7.23
N LEU A 171 2.19 -12.93 7.04
CA LEU A 171 2.78 -13.68 8.15
C LEU A 171 4.11 -13.06 8.58
N THR A 172 4.89 -12.54 7.63
CA THR A 172 6.11 -11.81 7.95
C THR A 172 5.83 -10.65 8.89
N ARG A 173 4.83 -9.83 8.55
CA ARG A 173 4.52 -8.67 9.36
C ARG A 173 3.98 -9.10 10.70
N SER A 174 3.11 -10.11 10.72
CA SER A 174 2.52 -10.55 11.97
C SER A 174 3.57 -11.15 12.89
N ALA A 175 4.40 -12.04 12.35
CA ALA A 175 5.46 -12.61 13.17
C ALA A 175 6.38 -11.53 13.72
N ALA A 176 6.73 -10.54 12.90
CA ALA A 176 7.60 -9.48 13.41
C ALA A 176 6.96 -8.79 14.59
N SER A 177 5.63 -8.63 14.59
CA SER A 177 5.03 -7.93 15.70
C SER A 177 5.12 -8.74 16.99
N GLU A 178 5.10 -10.09 16.91
CA GLU A 178 5.36 -10.84 18.13
C GLU A 178 6.85 -10.86 18.47
N LEU A 179 7.72 -11.07 17.49
CA LEU A 179 9.11 -11.44 17.78
C LEU A 179 10.05 -10.25 17.99
N ALA A 180 9.69 -9.06 17.50
CA ALA A 180 10.59 -7.92 17.65
C ALA A 180 10.96 -7.64 19.11
N PRO A 181 10.00 -7.57 20.05
CA PRO A 181 10.41 -7.38 21.46
C PRO A 181 11.24 -8.53 22.01
N ARG A 182 11.26 -9.69 21.35
CA ARG A 182 12.12 -10.78 21.77
C ARG A 182 13.51 -10.66 21.17
N GLY A 183 13.78 -9.62 20.40
CA GLY A 183 15.06 -9.43 19.76
C GLY A 183 15.22 -10.06 18.39
N VAL A 184 14.14 -10.54 17.77
CA VAL A 184 14.20 -11.30 16.51
C VAL A 184 13.53 -10.49 15.41
N ARG A 185 14.22 -10.34 14.29
CA ARG A 185 13.68 -9.62 13.15
C ARG A 185 13.10 -10.61 12.15
N VAL A 186 12.04 -10.18 11.46
CA VAL A 186 11.38 -10.98 10.43
C VAL A 186 11.17 -10.08 9.21
N ASN A 187 11.71 -10.48 8.06
CA ASN A 187 11.62 -9.65 6.86
C ASN A 187 11.40 -10.56 5.66
N ALA A 188 11.11 -9.94 4.52
CA ALA A 188 10.91 -10.67 3.27
C ALA A 188 11.61 -9.95 2.14
N VAL A 189 12.02 -10.71 1.13
CA VAL A 189 12.49 -10.15 -0.14
CA VAL A 189 12.49 -10.16 -0.14
C VAL A 189 11.47 -10.54 -1.21
N ALA A 190 11.19 -9.60 -2.11
CA ALA A 190 10.19 -9.79 -3.16
C ALA A 190 10.88 -9.65 -4.52
N PRO A 191 11.45 -10.74 -5.04
CA PRO A 191 12.00 -10.72 -6.40
C PRO A 191 10.88 -10.51 -7.41
N GLY A 192 11.24 -9.83 -8.51
CA GLY A 192 10.36 -9.76 -9.64
C GLY A 192 10.17 -11.12 -10.27
N THR A 193 9.04 -11.26 -10.98
CA THR A 193 8.76 -12.49 -11.72
C THR A 193 9.60 -12.49 -13.01
N THR A 194 10.91 -12.50 -12.79
CA THR A 194 11.89 -12.42 -13.87
C THR A 194 13.12 -13.24 -13.51
N SER A 217 12.91 -6.18 -17.78
CA SER A 217 13.30 -5.14 -16.83
C SER A 217 13.32 -3.76 -17.50
N PRO A 218 12.81 -2.74 -16.79
CA PRO A 218 12.96 -1.36 -17.29
C PRO A 218 14.41 -0.92 -17.39
N LEU A 219 15.30 -1.51 -16.58
CA LEU A 219 16.73 -1.21 -16.61
C LEU A 219 17.47 -1.97 -17.71
N GLY A 220 16.81 -2.89 -18.41
CA GLY A 220 17.36 -3.51 -19.59
C GLY A 220 18.27 -4.70 -19.35
N THR A 221 18.67 -4.97 -18.10
CA THR A 221 19.55 -6.07 -17.78
C THR A 221 18.83 -7.10 -16.91
N PRO A 222 19.20 -8.38 -16.99
CA PRO A 222 18.42 -9.42 -16.31
C PRO A 222 18.76 -9.59 -14.83
N LEU A 223 17.70 -9.77 -14.04
CA LEU A 223 17.85 -10.04 -12.61
C LEU A 223 18.41 -11.44 -12.36
N MET A 224 19.48 -11.52 -11.54
CA MET A 224 20.16 -12.78 -11.25
C MET A 224 19.87 -13.23 -9.83
N PRO A 225 19.88 -14.55 -9.58
CA PRO A 225 19.65 -15.02 -8.19
C PRO A 225 20.66 -14.47 -7.20
N GLN A 226 21.89 -14.19 -7.66
CA GLN A 226 22.91 -13.63 -6.78
CA GLN A 226 22.91 -13.63 -6.80
C GLN A 226 22.47 -12.29 -6.21
N GLU A 227 21.69 -11.52 -6.96
CA GLU A 227 21.22 -10.23 -6.44
C GLU A 227 20.21 -10.41 -5.33
N ILE A 228 19.37 -11.45 -5.43
CA ILE A 228 18.46 -11.76 -4.34
C ILE A 228 19.25 -12.24 -3.13
N ALA A 229 20.28 -13.07 -3.36
CA ALA A 229 21.19 -13.47 -2.29
C ALA A 229 21.77 -12.26 -1.57
N ALA A 230 22.18 -11.24 -2.32
CA ALA A 230 22.78 -10.05 -1.74
C ALA A 230 21.77 -9.23 -0.95
N ALA A 231 20.52 -9.20 -1.39
CA ALA A 231 19.48 -8.53 -0.61
C ALA A 231 19.25 -9.26 0.72
N LEU A 232 19.25 -10.60 0.69
CA LEU A 232 19.08 -11.37 1.91
C LEU A 232 20.25 -11.15 2.87
N VAL A 233 21.48 -11.11 2.34
CA VAL A 233 22.65 -10.87 3.19
C VAL A 233 22.61 -9.47 3.79
N TYR A 234 22.21 -8.46 3.00
CA TYR A 234 21.99 -7.15 3.58
C TYR A 234 21.02 -7.22 4.76
N LEU A 235 19.86 -7.85 4.55
CA LEU A 235 18.87 -7.91 5.62
C LEU A 235 19.35 -8.70 6.83
N ALA A 236 20.22 -9.71 6.62
CA ALA A 236 20.73 -10.49 7.75
C ALA A 236 21.87 -9.80 8.50
N SER A 237 22.48 -8.79 7.89
CA SER A 237 23.66 -8.15 8.47
C SER A 237 23.27 -7.19 9.59
N ASP A 238 24.25 -6.85 10.43
CA ASP A 238 24.01 -5.91 11.50
C ASP A 238 23.61 -4.54 10.98
N ASP A 239 23.99 -4.19 9.74
CA ASP A 239 23.54 -2.95 9.13
C ASP A 239 22.02 -2.85 9.13
N ALA A 240 21.34 -3.98 9.00
CA ALA A 240 19.89 -4.00 8.88
C ALA A 240 19.19 -4.33 10.21
N ARG A 241 19.86 -4.10 11.34
CA ARG A 241 19.26 -4.52 12.60
C ARG A 241 17.99 -3.73 12.95
N HIS A 242 17.72 -2.61 12.30
CA HIS A 242 16.44 -1.92 12.52
C HIS A 242 15.54 -1.98 11.29
N VAL A 243 15.88 -2.81 10.29
CA VAL A 243 14.93 -3.16 9.25
C VAL A 243 14.12 -4.35 9.74
N ASN A 244 12.82 -4.16 9.91
CA ASN A 244 12.01 -5.21 10.48
C ASN A 244 10.62 -5.15 9.86
N ALA A 245 10.05 -6.33 9.60
CA ALA A 245 8.74 -6.48 8.95
C ALA A 245 8.73 -5.88 7.55
N HIS A 246 9.89 -5.68 6.94
CA HIS A 246 9.96 -4.99 5.66
C HIS A 246 9.94 -6.00 4.52
N THR A 247 9.40 -5.58 3.37
CA THR A 247 9.42 -6.35 2.12
C THR A 247 10.35 -5.60 1.16
N LEU A 248 11.56 -6.12 1.00
CA LEU A 248 12.56 -5.52 0.13
C LEU A 248 12.29 -5.98 -1.31
N VAL A 249 11.85 -5.06 -2.16
CA VAL A 249 11.40 -5.39 -3.52
C VAL A 249 12.58 -5.28 -4.47
N VAL A 250 12.81 -6.33 -5.26
CA VAL A 250 13.91 -6.31 -6.25
C VAL A 250 13.31 -6.63 -7.61
N ASP A 251 12.78 -5.60 -8.29
CA ASP A 251 12.05 -5.89 -9.53
C ASP A 251 12.23 -4.82 -10.59
N SER A 252 13.29 -4.00 -10.50
CA SER A 252 13.56 -2.91 -11.44
C SER A 252 12.45 -1.86 -11.46
N GLY A 253 11.58 -1.85 -10.45
CA GLY A 253 10.55 -0.84 -10.35
C GLY A 253 9.24 -1.15 -11.04
N VAL A 254 9.02 -2.39 -11.48
CA VAL A 254 7.85 -2.69 -12.29
C VAL A 254 6.55 -2.49 -11.52
N THR A 255 6.51 -2.94 -10.26
CA THR A 255 5.22 -2.92 -9.55
C THR A 255 4.79 -1.51 -9.17
N VAL A 256 5.72 -0.58 -8.93
CA VAL A 256 5.36 0.76 -8.50
C VAL A 256 5.71 1.84 -9.51
N ALA A 257 6.41 1.50 -10.60
CA ALA A 257 6.92 2.51 -11.52
C ALA A 257 7.02 2.01 -12.96
N GLY A 258 6.05 1.21 -13.42
CA GLY A 258 6.03 0.77 -14.82
C GLY A 258 6.62 1.73 -15.87
N ALA A 259 7.77 1.36 -16.43
CA ALA A 259 8.48 2.28 -17.32
C ALA A 259 7.86 2.36 -18.71
N SER A 260 7.24 1.28 -19.19
CA SER A 260 6.57 1.35 -20.48
C SER A 260 5.39 2.31 -20.44
N GLY A 261 4.53 2.19 -19.42
CA GLY A 261 3.37 3.06 -19.32
C GLY A 261 3.74 4.52 -19.14
N GLY A 262 4.84 4.80 -18.44
CA GLY A 262 5.24 6.18 -18.19
C GLY A 262 5.63 6.95 -19.44
N ALA A 263 6.11 6.25 -20.48
CA ALA A 263 6.67 6.90 -21.66
C ALA A 263 5.72 7.93 -22.26
N VAL A 264 4.41 7.67 -22.23
CA VAL A 264 3.48 8.59 -22.87
C VAL A 264 3.45 9.92 -22.15
N PHE A 265 3.85 9.94 -20.89
CA PHE A 265 3.88 11.20 -20.15
C PHE A 265 5.27 11.80 -20.09
N HIS A 266 6.30 10.95 -19.99
CA HIS A 266 7.63 11.43 -19.68
C HIS A 266 8.53 11.60 -20.87
N ASN A 267 8.39 10.74 -21.89
CA ASN A 267 9.32 10.69 -23.02
C ASN A 267 8.90 11.68 -24.11
N ARG A 268 8.79 12.94 -23.69
CA ARG A 268 8.23 14.02 -24.49
C ARG A 268 9.00 15.31 -24.20
N PRO A 269 9.07 16.24 -25.15
CA PRO A 269 9.61 17.57 -24.82
C PRO A 269 8.82 18.19 -23.68
N ALA A 270 9.53 18.70 -22.69
CA ALA A 270 8.86 19.26 -21.51
C ALA A 270 7.86 20.31 -21.93
N GLY A 271 6.64 20.19 -21.40
CA GLY A 271 5.59 21.12 -21.77
C GLY A 271 4.64 21.36 -20.62
N PHE A 272 3.55 22.08 -20.89
CA PHE A 272 2.63 22.42 -19.82
C PHE A 272 1.22 22.43 -20.39
N MET A 273 0.34 21.63 -19.78
CA MET A 273 -1.07 21.60 -20.16
C MET A 273 -1.87 22.44 -19.17
N GLY A 274 -2.46 23.52 -19.66
CA GLY A 274 -3.35 24.35 -18.86
C GLY A 274 -2.82 25.75 -18.69
N ARG A 275 -3.48 26.50 -17.79
CA ARG A 275 -3.15 27.89 -17.52
C ARG A 275 -2.03 28.00 -16.48
N MET A 276 -0.98 28.76 -16.83
CA MET A 276 0.16 28.95 -15.93
C MET A 276 -0.21 29.72 -14.66
N SER B 10 -34.55 3.25 -1.39
CA SER B 10 -33.66 2.86 -2.47
C SER B 10 -33.62 1.34 -2.65
N GLU B 11 -33.47 0.92 -3.92
CA GLU B 11 -33.46 -0.48 -4.29
C GLU B 11 -32.32 -0.70 -5.29
N ARG B 12 -31.08 -0.63 -4.78
CA ARG B 12 -29.90 -0.71 -5.64
C ARG B 12 -29.62 -2.10 -6.15
N LEU B 13 -30.28 -3.13 -5.59
CA LEU B 13 -30.05 -4.51 -5.99
C LEU B 13 -31.37 -5.17 -6.37
N LYS B 14 -32.27 -4.41 -6.99
CA LYS B 14 -33.61 -4.89 -7.29
C LYS B 14 -33.56 -6.15 -8.16
N ASP B 15 -34.12 -7.24 -7.64
CA ASP B 15 -34.21 -8.54 -8.31
C ASP B 15 -32.86 -9.18 -8.58
N ARG B 16 -31.80 -8.66 -7.98
CA ARG B 16 -30.50 -9.31 -8.02
C ARG B 16 -30.51 -10.50 -7.05
N VAL B 17 -29.65 -11.48 -7.33
CA VAL B 17 -29.53 -12.69 -6.51
C VAL B 17 -28.18 -12.64 -5.80
N ALA B 18 -28.21 -12.66 -4.46
CA ALA B 18 -26.99 -12.62 -3.66
C ALA B 18 -26.90 -13.88 -2.80
N LEU B 19 -25.68 -14.40 -2.65
CA LEU B 19 -25.38 -15.48 -1.73
C LEU B 19 -24.42 -14.93 -0.69
N VAL B 20 -24.80 -14.99 0.58
CA VAL B 20 -24.01 -14.44 1.67
C VAL B 20 -23.63 -15.58 2.61
N THR B 21 -22.33 -15.83 2.77
CA THR B 21 -21.93 -16.85 3.73
C THR B 21 -21.75 -16.24 5.11
N GLY B 22 -21.74 -17.11 6.13
CA GLY B 22 -21.77 -16.62 7.50
C GLY B 22 -22.94 -15.70 7.78
N ALA B 23 -24.08 -15.96 7.14
CA ALA B 23 -25.19 -15.00 7.16
C ALA B 23 -25.99 -15.00 8.45
N ALA B 24 -25.71 -15.89 9.38
CA ALA B 24 -26.61 -16.00 10.52
C ALA B 24 -26.29 -15.03 11.65
N SER B 25 -25.19 -14.27 11.53
CA SER B 25 -24.84 -13.36 12.61
C SER B 25 -23.94 -12.25 12.06
N GLY B 26 -23.66 -11.29 12.93
CA GLY B 26 -22.67 -10.26 12.67
C GLY B 26 -22.83 -9.60 11.32
N ILE B 27 -21.69 -9.43 10.64
CA ILE B 27 -21.67 -8.75 9.35
C ILE B 27 -22.53 -9.48 8.33
N GLY B 28 -22.50 -10.81 8.36
CA GLY B 28 -23.26 -11.57 7.36
C GLY B 28 -24.75 -11.34 7.47
N ALA B 29 -25.29 -11.35 8.70
CA ALA B 29 -26.70 -11.10 8.91
C ALA B 29 -27.07 -9.68 8.47
N ALA B 30 -26.27 -8.69 8.90
CA ALA B 30 -26.53 -7.30 8.50
C ALA B 30 -26.47 -7.16 6.98
N THR B 31 -25.54 -7.88 6.34
CA THR B 31 -25.45 -7.80 4.88
C THR B 31 -26.68 -8.44 4.24
N ALA B 32 -27.09 -9.62 4.73
CA ALA B 32 -28.30 -10.25 4.22
C ALA B 32 -29.52 -9.34 4.38
N ARG B 33 -29.69 -8.74 5.55
CA ARG B 33 -30.83 -7.85 5.77
C ARG B 33 -30.82 -6.67 4.80
N LEU B 34 -29.66 -6.01 4.68
CA LEU B 34 -29.64 -4.80 3.85
C LEU B 34 -29.82 -5.14 2.38
N MET B 35 -29.21 -6.22 1.92
CA MET B 35 -29.38 -6.59 0.51
C MET B 35 -30.83 -6.94 0.21
N ALA B 36 -31.51 -7.64 1.13
CA ALA B 36 -32.94 -7.90 0.97
C ALA B 36 -33.73 -6.59 0.93
N GLN B 37 -33.43 -5.69 1.87
CA GLN B 37 -34.05 -4.37 1.87
C GLN B 37 -33.78 -3.62 0.58
N GLU B 38 -32.60 -3.83 -0.02
CA GLU B 38 -32.28 -3.18 -1.29
C GLU B 38 -32.87 -3.91 -2.50
N GLY B 39 -33.72 -4.92 -2.27
CA GLY B 39 -34.47 -5.59 -3.32
C GLY B 39 -33.91 -6.90 -3.83
N ALA B 40 -32.87 -7.44 -3.20
CA ALA B 40 -32.24 -8.66 -3.70
C ALA B 40 -32.94 -9.91 -3.17
N PHE B 41 -32.86 -10.99 -3.95
CA PHE B 41 -33.15 -12.33 -3.44
C PHE B 41 -31.90 -12.88 -2.76
N VAL B 42 -31.99 -13.22 -1.48
CA VAL B 42 -30.80 -13.56 -0.71
C VAL B 42 -30.84 -15.03 -0.34
N VAL B 43 -29.74 -15.73 -0.60
CA VAL B 43 -29.52 -17.06 -0.07
C VAL B 43 -28.58 -16.92 1.11
N LEU B 44 -29.05 -17.33 2.29
CA LEU B 44 -28.27 -17.23 3.51
C LEU B 44 -27.52 -18.54 3.73
N ALA B 45 -26.20 -18.46 3.77
CA ALA B 45 -25.36 -19.64 3.95
C ALA B 45 -24.66 -19.55 5.29
N ASP B 46 -24.77 -20.59 6.09
CA ASP B 46 -24.15 -20.65 7.41
C ASP B 46 -24.28 -22.08 7.92
N VAL B 47 -23.55 -22.37 9.00
CA VAL B 47 -23.68 -23.64 9.71
C VAL B 47 -24.63 -23.53 10.89
N ASP B 48 -25.09 -22.33 11.25
CA ASP B 48 -26.04 -22.16 12.35
C ASP B 48 -27.45 -22.24 11.77
N GLU B 49 -28.05 -23.43 11.82
CA GLU B 49 -29.34 -23.67 11.16
C GLU B 49 -30.47 -22.92 11.84
N HIS B 50 -30.48 -22.89 13.17
CA HIS B 50 -31.57 -22.22 13.87
C HIS B 50 -31.58 -20.73 13.58
N ALA B 51 -30.44 -20.07 13.76
CA ALA B 51 -30.36 -18.65 13.45
C ALA B 51 -30.56 -18.39 11.96
N GLY B 52 -29.98 -19.25 11.10
CA GLY B 52 -30.11 -19.05 9.68
C GLY B 52 -31.55 -19.17 9.19
N GLN B 53 -32.25 -20.20 9.64
CA GLN B 53 -33.65 -20.36 9.24
C GLN B 53 -34.50 -19.21 9.75
N ALA B 54 -34.25 -18.75 10.98
CA ALA B 54 -35.05 -17.67 11.54
C ALA B 54 -34.86 -16.38 10.73
N LEU B 55 -33.64 -16.09 10.31
CA LEU B 55 -33.41 -14.89 9.52
C LEU B 55 -34.09 -15.00 8.16
N ALA B 56 -34.07 -16.19 7.54
CA ALA B 56 -34.76 -16.41 6.28
C ALA B 56 -36.27 -16.19 6.42
N ARG B 57 -36.86 -16.64 7.53
CA ARG B 57 -38.27 -16.34 7.78
C ARG B 57 -38.49 -14.83 7.91
N GLU B 58 -37.54 -14.12 8.54
CA GLU B 58 -37.69 -12.68 8.74
C GLU B 58 -37.64 -11.92 7.41
N LEU B 59 -36.75 -12.31 6.51
CA LEU B 59 -36.50 -11.56 5.27
C LEU B 59 -37.41 -12.05 4.15
N ARG B 60 -37.94 -11.10 3.38
CA ARG B 60 -38.76 -11.47 2.22
C ARG B 60 -37.88 -12.09 1.14
N ASP B 61 -38.33 -13.25 0.63
CA ASP B 61 -37.70 -13.93 -0.49
C ASP B 61 -36.31 -14.45 -0.17
N ALA B 62 -35.98 -14.64 1.10
CA ALA B 62 -34.70 -15.22 1.50
C ALA B 62 -34.88 -16.69 1.84
N THR B 63 -33.82 -17.47 1.62
CA THR B 63 -33.82 -18.88 1.99
C THR B 63 -32.48 -19.22 2.64
N PHE B 64 -32.49 -20.29 3.43
CA PHE B 64 -31.29 -20.73 4.13
C PHE B 64 -30.70 -21.95 3.44
N ALA B 65 -29.37 -22.00 3.36
CA ALA B 65 -28.67 -23.15 2.78
C ALA B 65 -27.48 -23.47 3.67
N TYR B 66 -27.54 -24.61 4.34
CA TYR B 66 -26.47 -25.00 5.25
C TYR B 66 -25.16 -25.07 4.49
N THR B 67 -24.15 -24.35 4.99
CA THR B 67 -22.88 -24.24 4.29
C THR B 67 -21.74 -24.06 5.29
N ASP B 68 -20.86 -25.03 5.36
CA ASP B 68 -19.55 -24.89 5.99
C ASP B 68 -18.57 -24.50 4.88
N VAL B 69 -18.13 -23.23 4.88
CA VAL B 69 -17.31 -22.75 3.77
C VAL B 69 -15.93 -23.39 3.73
N SER B 70 -15.50 -24.09 4.79
CA SER B 70 -14.26 -24.84 4.69
C SER B 70 -14.40 -26.11 3.83
N VAL B 71 -15.60 -26.44 3.38
CA VAL B 71 -15.83 -27.64 2.56
C VAL B 71 -16.21 -27.20 1.14
N GLU B 72 -15.31 -27.45 0.17
CA GLU B 72 -15.56 -26.92 -1.17
C GLU B 72 -16.90 -27.40 -1.71
N ALA B 73 -17.25 -28.68 -1.49
CA ALA B 73 -18.49 -29.19 -2.05
C ALA B 73 -19.70 -28.45 -1.52
N GLN B 74 -19.67 -28.04 -0.25
CA GLN B 74 -20.81 -27.33 0.30
C GLN B 74 -20.90 -25.90 -0.27
N VAL B 75 -19.76 -25.27 -0.50
CA VAL B 75 -19.77 -23.96 -1.15
C VAL B 75 -20.36 -24.08 -2.55
N ALA B 76 -19.90 -25.09 -3.30
CA ALA B 76 -20.43 -25.32 -4.64
C ALA B 76 -21.93 -25.59 -4.58
N ALA B 77 -22.37 -26.35 -3.58
CA ALA B 77 -23.79 -26.68 -3.45
C ALA B 77 -24.64 -25.46 -3.13
N ALA B 78 -24.11 -24.52 -2.32
CA ALA B 78 -24.86 -23.30 -2.06
C ALA B 78 -25.02 -22.45 -3.33
N VAL B 79 -23.95 -22.33 -4.13
CA VAL B 79 -24.07 -21.65 -5.43
C VAL B 79 -25.13 -22.34 -6.29
N ASP B 80 -25.04 -23.67 -6.39
CA ASP B 80 -26.02 -24.42 -7.18
C ASP B 80 -27.43 -24.18 -6.65
N GLU B 81 -27.59 -24.08 -5.33
CA GLU B 81 -28.88 -23.76 -4.73
C GLU B 81 -29.40 -22.39 -5.20
N ALA B 82 -28.53 -21.38 -5.18
CA ALA B 82 -28.94 -20.07 -5.69
C ALA B 82 -29.40 -20.17 -7.14
N LEU B 83 -28.65 -20.91 -7.96
CA LEU B 83 -29.02 -21.06 -9.36
C LEU B 83 -30.33 -21.83 -9.53
N ARG B 84 -30.53 -22.88 -8.74
CA ARG B 84 -31.77 -23.65 -8.86
C ARG B 84 -32.97 -22.82 -8.47
N LEU B 85 -32.85 -22.03 -7.40
CA LEU B 85 -33.98 -21.25 -6.91
C LEU B 85 -34.26 -20.05 -7.82
N HIS B 86 -33.21 -19.39 -8.30
CA HIS B 86 -33.38 -18.09 -8.95
C HIS B 86 -32.80 -18.00 -10.36
N GLY B 87 -32.12 -19.03 -10.85
CA GLY B 87 -31.64 -19.04 -12.23
C GLY B 87 -30.42 -18.20 -12.51
N ARG B 88 -29.88 -17.51 -11.52
CA ARG B 88 -28.67 -16.70 -11.71
C ARG B 88 -28.08 -16.41 -10.35
N LEU B 89 -26.85 -15.91 -10.36
CA LEU B 89 -26.17 -15.42 -9.16
C LEU B 89 -25.49 -14.10 -9.52
N ASP B 90 -25.90 -13.02 -8.86
CA ASP B 90 -25.34 -11.71 -9.20
C ASP B 90 -24.27 -11.25 -8.23
N CYS B 91 -24.35 -11.67 -6.98
CA CYS B 91 -23.42 -11.18 -5.98
C CYS B 91 -23.07 -12.31 -5.04
N MET B 92 -21.78 -12.52 -4.82
CA MET B 92 -21.29 -13.50 -3.86
C MET B 92 -20.57 -12.75 -2.74
N VAL B 93 -20.89 -13.06 -1.50
CA VAL B 93 -20.22 -12.45 -0.34
C VAL B 93 -19.56 -13.56 0.47
N ASN B 94 -18.23 -13.61 0.43
CA ASN B 94 -17.44 -14.57 1.23
C ASN B 94 -17.19 -13.96 2.60
N ASN B 95 -17.96 -14.38 3.59
CA ASN B 95 -17.91 -13.79 4.92
C ASN B 95 -17.90 -14.90 5.96
N ALA B 96 -17.10 -14.71 7.02
CA ALA B 96 -17.07 -15.63 8.15
C ALA B 96 -16.84 -14.85 9.43
N GLY B 97 -17.70 -15.05 10.42
CA GLY B 97 -17.48 -14.49 11.75
C GLY B 97 -16.62 -15.46 12.53
N PHE B 98 -15.31 -15.44 12.28
CA PHE B 98 -14.43 -16.53 12.71
C PHE B 98 -13.02 -15.98 12.85
N VAL B 99 -12.32 -16.39 13.90
CA VAL B 99 -10.97 -15.89 14.17
C VAL B 99 -9.95 -17.03 14.15
N GLY B 100 -10.17 -18.08 14.95
CA GLY B 100 -9.30 -19.22 14.91
C GLY B 100 -8.12 -19.13 15.86
N ALA B 101 -6.94 -19.49 15.37
CA ALA B 101 -5.76 -19.63 16.22
C ALA B 101 -5.29 -18.27 16.72
N TYR B 102 -4.87 -18.22 17.99
CA TYR B 102 -4.27 -16.99 18.49
C TYR B 102 -3.16 -17.38 19.47
N GLY B 103 -2.41 -16.38 19.91
CA GLY B 103 -1.33 -16.64 20.85
C GLY B 103 -0.03 -16.86 20.14
N SER B 104 0.95 -17.31 20.91
CA SER B 104 2.33 -17.28 20.43
C SER B 104 2.51 -18.20 19.24
N ILE B 105 3.24 -17.70 18.24
CA ILE B 105 3.51 -18.52 17.07
C ILE B 105 4.40 -19.70 17.44
N LEU B 106 5.17 -19.58 18.52
CA LEU B 106 6.08 -20.65 18.90
C LEU B 106 5.36 -21.95 19.21
N GLU B 107 4.10 -21.86 19.64
CA GLU B 107 3.36 -23.03 20.09
C GLU B 107 2.03 -23.17 19.36
N THR B 108 1.87 -22.50 18.21
CA THR B 108 0.71 -22.68 17.36
C THR B 108 0.82 -23.99 16.60
N SER B 109 -0.16 -24.86 16.76
CA SER B 109 -0.08 -26.16 16.10
C SER B 109 -0.43 -26.05 14.62
N ALA B 110 0.07 -27.01 13.85
CA ALA B 110 -0.33 -27.11 12.45
C ALA B 110 -1.84 -27.29 12.34
N ALA B 111 -2.45 -28.04 13.26
CA ALA B 111 -3.89 -28.26 13.16
C ALA B 111 -4.65 -26.95 13.32
N ALA B 112 -4.26 -26.12 14.28
CA ALA B 112 -4.92 -24.82 14.47
C ALA B 112 -4.68 -23.90 13.28
N TRP B 113 -3.45 -23.90 12.76
CA TRP B 113 -3.12 -23.13 11.55
C TRP B 113 -4.01 -23.55 10.38
N HIS B 114 -4.08 -24.86 10.11
CA HIS B 114 -4.86 -25.34 8.97
C HIS B 114 -6.36 -25.11 9.17
N ALA B 115 -6.88 -25.33 10.40
CA ALA B 115 -8.30 -25.06 10.64
C ALA B 115 -8.65 -23.60 10.40
N THR B 116 -7.78 -22.67 10.84
CA THR B 116 -8.04 -21.25 10.65
C THR B 116 -8.05 -20.90 9.15
N LEU B 117 -7.02 -21.35 8.45
CA LEU B 117 -6.92 -21.05 7.01
C LEU B 117 -8.02 -21.74 6.21
N GLY B 118 -8.53 -22.88 6.71
CA GLY B 118 -9.59 -23.55 5.98
C GLY B 118 -10.86 -22.71 5.88
N VAL B 119 -11.20 -22.01 6.96
CA VAL B 119 -12.37 -21.13 6.96
C VAL B 119 -12.04 -19.81 6.26
N LEU B 120 -10.95 -19.18 6.68
CA LEU B 120 -10.73 -17.79 6.31
C LEU B 120 -10.11 -17.63 4.93
N LEU B 121 -9.43 -18.65 4.42
CA LEU B 121 -8.78 -18.54 3.12
C LEU B 121 -9.34 -19.54 2.13
N ASP B 122 -9.32 -20.83 2.46
CA ASP B 122 -9.84 -21.82 1.52
C ASP B 122 -11.29 -21.52 1.18
N GLY B 123 -12.07 -21.12 2.21
CA GLY B 123 -13.47 -20.81 1.98
C GLY B 123 -13.67 -19.70 0.97
N VAL B 124 -12.77 -18.71 0.98
CA VAL B 124 -12.86 -17.63 0.02
C VAL B 124 -12.48 -18.12 -1.37
N PHE B 125 -11.41 -18.92 -1.46
CA PHE B 125 -11.04 -19.51 -2.75
C PHE B 125 -12.20 -20.31 -3.33
N TYR B 126 -12.82 -21.18 -2.53
CA TYR B 126 -13.93 -21.99 -3.04
C TYR B 126 -15.10 -21.11 -3.48
N GLY B 127 -15.38 -20.05 -2.71
CA GLY B 127 -16.46 -19.15 -3.07
C GLY B 127 -16.18 -18.37 -4.36
N ILE B 128 -14.95 -17.88 -4.53
CA ILE B 128 -14.63 -17.20 -5.78
C ILE B 128 -14.70 -18.19 -6.94
N LYS B 129 -14.09 -19.37 -6.75
CA LYS B 129 -14.09 -20.37 -7.82
C LYS B 129 -15.49 -20.69 -8.32
N HIS B 130 -16.41 -21.05 -7.41
CA HIS B 130 -17.73 -21.52 -7.81
C HIS B 130 -18.69 -20.38 -8.15
N ALA B 131 -18.63 -19.24 -7.44
CA ALA B 131 -19.43 -18.10 -7.90
C ALA B 131 -18.98 -17.65 -9.29
N ALA B 132 -17.68 -17.66 -9.57
CA ALA B 132 -17.21 -17.22 -10.87
C ALA B 132 -17.68 -18.15 -11.98
N ARG B 133 -17.72 -19.47 -11.72
CA ARG B 133 -18.23 -20.41 -12.70
C ARG B 133 -19.62 -20.02 -13.15
N ALA B 134 -20.49 -19.65 -12.20
CA ALA B 134 -21.83 -19.20 -12.57
C ALA B 134 -21.77 -17.84 -13.27
N MET B 135 -20.87 -16.97 -12.84
CA MET B 135 -20.96 -15.58 -13.30
C MET B 135 -20.37 -15.37 -14.67
N VAL B 136 -19.27 -16.08 -15.00
CA VAL B 136 -18.67 -15.88 -16.32
C VAL B 136 -19.66 -16.28 -17.40
N LYS B 137 -20.58 -17.19 -17.09
CA LYS B 137 -21.63 -17.53 -18.05
C LYS B 137 -22.56 -16.34 -18.27
N GLN B 138 -22.89 -15.61 -17.20
CA GLN B 138 -23.73 -14.41 -17.30
C GLN B 138 -23.02 -13.27 -18.04
N GLY B 139 -21.68 -13.22 -17.98
CA GLY B 139 -21.00 -12.02 -18.42
C GLY B 139 -21.11 -10.88 -17.44
N SER B 140 -21.46 -11.16 -16.19
CA SER B 140 -21.60 -10.11 -15.17
C SER B 140 -21.63 -10.78 -13.80
N GLY B 141 -21.37 -9.97 -12.79
CA GLY B 141 -21.38 -10.47 -11.42
C GLY B 141 -20.37 -9.75 -10.57
N CYS B 142 -20.55 -9.88 -9.25
CA CYS B 142 -19.75 -9.17 -8.28
C CYS B 142 -19.38 -10.13 -7.17
N ILE B 143 -18.09 -10.39 -6.97
CA ILE B 143 -17.63 -11.28 -5.90
C ILE B 143 -16.95 -10.43 -4.85
N LEU B 144 -17.44 -10.52 -3.62
CA LEU B 144 -17.01 -9.68 -2.52
C LEU B 144 -16.57 -10.56 -1.35
N SER B 145 -15.46 -10.21 -0.73
CA SER B 145 -14.95 -10.95 0.42
C SER B 145 -14.81 -10.00 1.59
N VAL B 146 -15.20 -10.46 2.78
CA VAL B 146 -15.04 -9.66 3.99
C VAL B 146 -13.67 -9.99 4.56
N ALA B 147 -12.69 -9.11 4.32
CA ALA B 147 -11.37 -9.34 4.87
C ALA B 147 -11.30 -8.69 6.25
N SER B 148 -10.34 -7.81 6.47
CA SER B 148 -10.08 -7.18 7.77
C SER B 148 -8.90 -6.24 7.58
N THR B 149 -8.79 -5.26 8.49
CA THR B 149 -7.57 -4.46 8.54
C THR B 149 -6.34 -5.34 8.78
N ALA B 150 -6.53 -6.52 9.39
CA ALA B 150 -5.43 -7.47 9.53
C ALA B 150 -4.92 -8.00 8.19
N GLY B 151 -5.64 -7.78 7.10
CA GLY B 151 -5.14 -8.13 5.76
C GLY B 151 -4.26 -7.08 5.14
N VAL B 152 -4.14 -5.95 5.83
CA VAL B 152 -3.44 -4.79 5.31
C VAL B 152 -2.14 -4.50 6.06
N MET B 153 -1.99 -4.95 7.30
CA MET B 153 -0.77 -4.79 8.07
C MET B 153 -0.78 -5.77 9.24
N GLY B 154 0.38 -5.92 9.89
CA GLY B 154 0.49 -6.75 11.07
C GLY B 154 0.10 -5.99 12.34
N GLY B 155 0.00 -6.76 13.45
CA GLY B 155 -0.31 -6.20 14.76
C GLY B 155 -1.76 -5.89 15.02
N LEU B 156 -2.67 -6.25 14.10
CA LEU B 156 -4.10 -5.97 14.24
C LEU B 156 -4.92 -7.24 14.44
N GLY B 157 -4.32 -8.41 14.40
CA GLY B 157 -5.01 -9.66 14.65
C GLY B 157 -4.01 -10.77 14.89
N PRO B 158 -4.51 -11.99 15.20
CA PRO B 158 -3.61 -13.15 15.38
C PRO B 158 -2.84 -13.50 14.10
N HIS B 159 -1.81 -14.35 14.26
CA HIS B 159 -0.91 -14.64 13.14
C HIS B 159 -1.64 -15.31 11.99
N ALA B 160 -2.39 -16.38 12.28
CA ALA B 160 -3.07 -17.07 11.20
C ALA B 160 -4.12 -16.18 10.57
N TYR B 161 -4.88 -15.48 11.41
CA TYR B 161 -5.85 -14.50 10.95
C TYR B 161 -5.19 -13.48 9.99
N THR B 162 -4.04 -12.93 10.41
CA THR B 162 -3.38 -11.90 9.61
C THR B 162 -2.88 -12.47 8.28
N SER B 163 -2.30 -13.68 8.30
CA SER B 163 -1.83 -14.30 7.07
CA SER B 163 -1.83 -14.29 7.07
C SER B 163 -2.99 -14.59 6.13
N ALA B 164 -4.06 -15.17 6.66
CA ALA B 164 -5.23 -15.51 5.85
C ALA B 164 -5.83 -14.27 5.21
N LYS B 165 -5.97 -13.18 5.99
CA LYS B 165 -6.64 -12.00 5.47
C LYS B 165 -5.78 -11.31 4.42
N HIS B 166 -4.44 -11.31 4.60
CA HIS B 166 -3.55 -10.85 3.53
C HIS B 166 -3.74 -11.69 2.28
N ALA B 167 -3.85 -13.02 2.45
CA ALA B 167 -4.06 -13.92 1.33
C ALA B 167 -5.38 -13.64 0.61
N VAL B 168 -6.43 -13.30 1.36
CA VAL B 168 -7.73 -12.98 0.76
C VAL B 168 -7.61 -11.74 -0.13
N ILE B 169 -6.87 -10.74 0.34
CA ILE B 169 -6.62 -9.56 -0.49
CA ILE B 169 -6.64 -9.56 -0.50
C ILE B 169 -5.86 -9.94 -1.75
N GLY B 170 -4.80 -10.76 -1.60
CA GLY B 170 -4.06 -11.19 -2.78
C GLY B 170 -4.91 -11.97 -3.76
N LEU B 171 -5.73 -12.89 -3.25
CA LEU B 171 -6.62 -13.68 -4.10
C LEU B 171 -7.68 -12.80 -4.74
N THR B 172 -8.20 -11.82 -3.98
CA THR B 172 -9.10 -10.83 -4.54
C THR B 172 -8.47 -10.15 -5.76
N ARG B 173 -7.22 -9.69 -5.61
CA ARG B 173 -6.53 -9.00 -6.71
C ARG B 173 -6.25 -9.96 -7.87
N SER B 174 -5.84 -11.19 -7.54
CA SER B 174 -5.47 -12.16 -8.56
C SER B 174 -6.69 -12.59 -9.37
N ALA B 175 -7.77 -12.92 -8.67
CA ALA B 175 -9.00 -13.32 -9.36
C ALA B 175 -9.51 -12.18 -10.22
N ALA B 176 -9.43 -10.94 -9.72
CA ALA B 176 -9.91 -9.81 -10.50
C ALA B 176 -9.18 -9.73 -11.84
N SER B 177 -7.87 -10.01 -11.86
CA SER B 177 -7.12 -9.90 -13.10
C SER B 177 -7.55 -10.96 -14.11
N GLU B 178 -8.00 -12.14 -13.65
CA GLU B 178 -8.54 -13.10 -14.62
C GLU B 178 -9.94 -12.71 -15.06
N LEU B 179 -10.79 -12.33 -14.12
CA LEU B 179 -12.22 -12.29 -14.36
C LEU B 179 -12.73 -10.97 -14.93
N ALA B 180 -11.96 -9.89 -14.80
CA ALA B 180 -12.42 -8.60 -15.32
C ALA B 180 -12.82 -8.65 -16.79
N PRO B 181 -12.03 -9.22 -17.72
CA PRO B 181 -12.49 -9.28 -19.11
C PRO B 181 -13.73 -10.12 -19.32
N ARG B 182 -14.08 -10.97 -18.35
CA ARG B 182 -15.31 -11.75 -18.45
C ARG B 182 -16.51 -10.98 -17.93
N GLY B 183 -16.34 -9.74 -17.51
CA GLY B 183 -17.41 -8.95 -16.98
C GLY B 183 -17.68 -9.11 -15.50
N VAL B 184 -16.78 -9.75 -14.75
CA VAL B 184 -17.01 -10.07 -13.34
C VAL B 184 -16.02 -9.32 -12.50
N ARG B 185 -16.51 -8.61 -11.48
CA ARG B 185 -15.69 -7.83 -10.57
C ARG B 185 -15.43 -8.60 -9.29
N VAL B 186 -14.26 -8.34 -8.70
CA VAL B 186 -13.85 -8.95 -7.43
C VAL B 186 -13.29 -7.86 -6.54
N ASN B 187 -13.83 -7.72 -5.33
CA ASN B 187 -13.44 -6.68 -4.40
C ASN B 187 -13.47 -7.23 -2.98
N ALA B 188 -12.94 -6.45 -2.05
CA ALA B 188 -12.94 -6.84 -0.65
C ALA B 188 -13.29 -5.63 0.19
N VAL B 189 -13.82 -5.90 1.39
CA VAL B 189 -14.02 -4.89 2.42
C VAL B 189 -13.15 -5.27 3.60
N ALA B 190 -12.58 -4.29 4.27
CA ALA B 190 -11.66 -4.55 5.38
C ALA B 190 -12.16 -3.76 6.60
N PRO B 191 -13.09 -4.34 7.36
CA PRO B 191 -13.50 -3.69 8.61
C PRO B 191 -12.37 -3.68 9.62
N GLY B 192 -12.34 -2.62 10.43
CA GLY B 192 -11.53 -2.65 11.62
C GLY B 192 -12.09 -3.65 12.61
N THR B 193 -11.24 -4.13 13.50
CA THR B 193 -11.69 -5.04 14.55
C THR B 193 -10.98 -4.68 15.85
N THR B 194 -11.41 -5.32 16.93
CA THR B 194 -10.75 -5.21 18.22
C THR B 194 -10.61 -6.61 18.79
N VAL B 195 -9.63 -6.77 19.69
CA VAL B 195 -9.45 -8.08 20.32
C VAL B 195 -10.67 -8.45 21.15
N THR B 196 -11.37 -7.43 21.69
CA THR B 196 -12.58 -7.69 22.49
C THR B 196 -13.67 -8.35 21.66
N GLU B 197 -13.91 -7.84 20.45
CA GLU B 197 -14.89 -8.47 19.56
C GLU B 197 -14.46 -9.87 19.16
N MET B 198 -13.15 -10.11 19.06
CA MET B 198 -12.67 -11.44 18.72
C MET B 198 -12.88 -12.41 19.87
N MET B 199 -12.51 -12.00 21.08
CA MET B 199 -12.42 -12.87 22.25
C MET B 199 -13.71 -12.95 23.06
N VAL B 200 -14.36 -11.81 23.28
CA VAL B 200 -15.41 -11.74 24.30
C VAL B 200 -16.69 -12.38 23.75
N GLN B 201 -17.11 -13.47 24.39
CA GLN B 201 -18.27 -14.25 24.01
C GLN B 201 -19.14 -14.47 25.25
N GLY B 202 -20.44 -14.41 25.06
CA GLY B 202 -21.37 -14.56 26.16
C GLY B 202 -22.59 -13.71 25.93
N ARG B 203 -23.34 -13.48 27.01
CA ARG B 203 -24.61 -12.79 26.90
C ARG B 203 -24.47 -11.26 26.89
N GLY B 204 -23.36 -10.72 27.38
CA GLY B 204 -23.12 -9.28 27.29
C GLY B 204 -22.13 -8.90 26.20
N SER B 205 -21.93 -9.80 25.24
CA SER B 205 -20.86 -9.63 24.27
C SER B 205 -21.13 -8.46 23.32
N ARG B 206 -22.40 -8.19 23.01
CA ARG B 206 -22.71 -7.10 22.09
C ARG B 206 -22.18 -5.77 22.61
N GLN B 207 -22.47 -5.44 23.87
CA GLN B 207 -22.07 -4.15 24.40
C GLN B 207 -20.58 -4.09 24.67
N ALA B 208 -19.98 -5.17 25.18
CA ALA B 208 -18.53 -5.22 25.32
C ALA B 208 -17.83 -4.88 24.01
N ALA B 209 -18.33 -5.40 22.88
CA ALA B 209 -17.71 -5.08 21.60
C ALA B 209 -17.93 -3.61 21.21
N ILE B 210 -19.13 -3.07 21.50
CA ILE B 210 -19.41 -1.67 21.19
C ILE B 210 -18.52 -0.75 22.01
N ASP B 211 -18.35 -1.04 23.30
CA ASP B 211 -17.42 -0.26 24.13
C ASP B 211 -16.01 -0.30 23.56
N ALA B 212 -15.50 -1.49 23.25
CA ALA B 212 -14.18 -1.64 22.66
C ALA B 212 -14.05 -0.84 21.36
N ALA B 213 -15.01 -1.06 20.44
CA ALA B 213 -14.96 -0.36 19.16
C ALA B 213 -14.98 1.16 19.36
N THR B 214 -15.69 1.65 20.38
CA THR B 214 -15.68 3.08 20.66
C THR B 214 -14.28 3.58 20.99
N ARG B 215 -13.61 2.92 21.95
CA ARG B 215 -12.29 3.37 22.37
C ARG B 215 -11.25 3.24 21.27
N ALA B 216 -11.40 2.27 20.37
CA ALA B 216 -10.42 2.05 19.31
C ALA B 216 -10.56 3.02 18.14
N SER B 217 -11.73 3.68 17.99
CA SER B 217 -11.93 4.52 16.83
C SER B 217 -11.36 5.92 17.08
N PRO B 218 -10.56 6.47 16.16
CA PRO B 218 -10.20 7.89 16.29
C PRO B 218 -11.42 8.78 16.23
N LEU B 219 -12.50 8.33 15.59
CA LEU B 219 -13.72 9.12 15.55
C LEU B 219 -14.54 8.99 16.83
N GLY B 220 -14.19 8.06 17.72
CA GLY B 220 -14.83 8.07 19.02
C GLY B 220 -16.17 7.38 19.10
N THR B 221 -16.70 6.87 17.98
CA THR B 221 -17.97 6.17 17.87
C THR B 221 -17.76 4.73 17.37
N PRO B 222 -18.65 3.81 17.72
CA PRO B 222 -18.39 2.40 17.39
C PRO B 222 -18.81 2.05 15.95
N LEU B 223 -17.94 1.31 15.28
CA LEU B 223 -18.27 0.73 13.97
C LEU B 223 -19.33 -0.36 14.16
N MET B 224 -20.43 -0.29 13.39
CA MET B 224 -21.52 -1.26 13.52
C MET B 224 -21.59 -2.16 12.28
N PRO B 225 -22.08 -3.40 12.40
CA PRO B 225 -22.09 -4.31 11.23
C PRO B 225 -22.86 -3.76 10.05
N GLN B 226 -23.94 -3.02 10.31
CA GLN B 226 -24.71 -2.41 9.22
CA GLN B 226 -24.71 -2.39 9.24
C GLN B 226 -23.84 -1.54 8.32
N GLU B 227 -22.78 -0.93 8.85
CA GLU B 227 -21.92 -0.10 8.01
C GLU B 227 -21.10 -0.94 7.05
N ILE B 228 -20.67 -2.13 7.48
CA ILE B 228 -19.98 -3.02 6.56
C ILE B 228 -20.95 -3.55 5.52
N ALA B 229 -22.18 -3.89 5.94
CA ALA B 229 -23.21 -4.21 4.98
C ALA B 229 -23.34 -3.11 3.94
N ALA B 230 -23.34 -1.85 4.38
CA ALA B 230 -23.50 -0.75 3.45
C ALA B 230 -22.31 -0.61 2.52
N ALA B 231 -21.10 -0.92 3.01
CA ALA B 231 -19.95 -0.91 2.12
C ALA B 231 -20.07 -1.98 1.05
N LEU B 232 -20.51 -3.19 1.44
CA LEU B 232 -20.69 -4.27 0.47
C LEU B 232 -21.77 -3.92 -0.55
N VAL B 233 -22.88 -3.33 -0.11
CA VAL B 233 -23.93 -2.95 -1.05
C VAL B 233 -23.41 -1.89 -2.01
N TYR B 234 -22.67 -0.90 -1.51
CA TYR B 234 -22.02 0.04 -2.42
C TYR B 234 -21.22 -0.69 -3.48
N LEU B 235 -20.36 -1.62 -3.07
CA LEU B 235 -19.50 -2.32 -4.02
C LEU B 235 -20.31 -3.19 -4.98
N ALA B 236 -21.46 -3.73 -4.55
CA ALA B 236 -22.28 -4.56 -5.43
C ALA B 236 -23.14 -3.74 -6.39
N SER B 237 -23.33 -2.44 -6.09
CA SER B 237 -24.24 -1.60 -6.85
C SER B 237 -23.60 -1.16 -8.17
N ASP B 238 -24.46 -0.70 -9.08
CA ASP B 238 -23.95 -0.20 -10.36
C ASP B 238 -23.06 1.03 -10.22
N ASP B 239 -23.21 1.82 -9.15
CA ASP B 239 -22.29 2.95 -8.95
C ASP B 239 -20.84 2.48 -8.93
N ALA B 240 -20.59 1.24 -8.52
CA ALA B 240 -19.24 0.71 -8.34
C ALA B 240 -18.78 -0.15 -9.52
N ARG B 241 -19.36 0.04 -10.70
CA ARG B 241 -19.05 -0.87 -11.81
C ARG B 241 -17.61 -0.76 -12.29
N HIS B 242 -16.88 0.28 -11.93
CA HIS B 242 -15.46 0.35 -12.24
C HIS B 242 -14.58 0.32 -11.01
N VAL B 243 -15.13 0.01 -9.84
CA VAL B 243 -14.34 -0.33 -8.66
C VAL B 243 -14.05 -1.83 -8.75
N ASN B 244 -12.77 -2.18 -8.87
CA ASN B 244 -12.42 -3.56 -9.07
C ASN B 244 -11.09 -3.85 -8.40
N ALA B 245 -10.96 -5.03 -7.82
CA ALA B 245 -9.77 -5.47 -7.09
C ALA B 245 -9.46 -4.59 -5.88
N HIS B 246 -10.41 -3.78 -5.44
CA HIS B 246 -10.16 -2.78 -4.40
C HIS B 246 -10.44 -3.35 -3.01
N THR B 247 -9.71 -2.85 -2.02
CA THR B 247 -9.97 -3.20 -0.61
C THR B 247 -10.55 -1.94 0.03
N LEU B 248 -11.87 -1.93 0.22
CA LEU B 248 -12.53 -0.79 0.83
C LEU B 248 -12.38 -0.91 2.34
N VAL B 249 -11.56 -0.06 2.95
CA VAL B 249 -11.21 -0.17 4.37
C VAL B 249 -12.16 0.67 5.20
N VAL B 250 -12.73 0.07 6.24
CA VAL B 250 -13.70 0.76 7.10
C VAL B 250 -13.17 0.64 8.53
N ASP B 251 -12.28 1.57 8.93
CA ASP B 251 -11.54 1.40 10.17
C ASP B 251 -11.26 2.71 10.90
N SER B 252 -11.99 3.78 10.60
CA SER B 252 -11.81 5.08 11.22
C SER B 252 -10.41 5.65 10.98
N GLY B 253 -9.70 5.12 9.98
CA GLY B 253 -8.41 5.64 9.58
C GLY B 253 -7.21 5.03 10.27
N VAL B 254 -7.37 3.97 11.06
CA VAL B 254 -6.29 3.49 11.90
C VAL B 254 -5.09 3.01 11.08
N THR B 255 -5.33 2.27 9.99
CA THR B 255 -4.21 1.68 9.26
C THR B 255 -3.36 2.72 8.53
N VAL B 256 -3.93 3.84 8.12
CA VAL B 256 -3.18 4.83 7.34
C VAL B 256 -3.00 6.16 8.07
N ALA B 257 -3.61 6.36 9.21
CA ALA B 257 -3.50 7.63 9.92
C ALA B 257 -3.25 7.40 11.40
N GLY B 258 -3.09 6.15 11.83
CA GLY B 258 -2.63 5.87 13.17
C GLY B 258 -3.76 5.62 14.15
N ALA B 259 -3.39 4.99 15.26
CA ALA B 259 -4.32 4.68 16.34
C ALA B 259 -4.83 5.95 17.00
N SER B 260 -5.96 5.78 17.69
CA SER B 260 -6.56 6.86 18.45
C SER B 260 -5.56 7.43 19.45
N GLY B 261 -5.39 8.74 19.42
CA GLY B 261 -4.51 9.43 20.34
C GLY B 261 -3.05 9.45 19.96
N GLY B 262 -2.68 8.80 18.85
CA GLY B 262 -1.29 8.72 18.47
C GLY B 262 -0.70 9.96 17.84
N ALA B 263 -1.52 10.96 17.53
CA ALA B 263 -1.04 12.13 16.79
C ALA B 263 -1.48 13.43 17.46
N VAL B 264 -1.43 13.48 18.78
CA VAL B 264 -1.83 14.68 19.52
C VAL B 264 -0.87 15.84 19.31
N PHE B 265 0.32 15.60 18.76
CA PHE B 265 1.25 16.69 18.45
C PHE B 265 0.67 17.66 17.42
N HIS B 266 -0.30 17.23 16.61
CA HIS B 266 -0.94 18.14 15.66
C HIS B 266 -1.61 19.31 16.38
N ASN B 267 -2.02 19.14 17.64
CA ASN B 267 -2.76 20.18 18.36
C ASN B 267 -1.88 21.19 19.08
N ARG B 268 -0.56 21.07 19.02
CA ARG B 268 0.26 22.05 19.70
C ARG B 268 0.20 23.38 18.94
N PRO B 269 0.64 24.48 19.57
CA PRO B 269 0.56 25.77 18.89
C PRO B 269 1.34 25.75 17.57
N ALA B 270 0.69 26.21 16.51
CA ALA B 270 1.33 26.27 15.20
C ALA B 270 2.64 27.06 15.26
N GLY B 271 3.70 26.47 14.71
CA GLY B 271 5.01 27.07 14.68
C GLY B 271 5.81 26.58 13.49
N PHE B 272 7.09 26.92 13.46
CA PHE B 272 7.99 26.53 12.38
C PHE B 272 9.36 26.22 12.95
N MET B 273 9.85 25.00 12.74
CA MET B 273 11.13 24.55 13.26
C MET B 273 12.07 24.28 12.09
N GLY B 274 13.19 24.99 12.06
CA GLY B 274 14.17 24.77 11.01
C GLY B 274 14.74 26.09 10.56
N ARG B 275 15.46 26.05 9.44
CA ARG B 275 16.13 27.23 8.91
C ARG B 275 15.19 28.09 8.08
N SER C 10 -30.92 7.98 -3.07
CA SER C 10 -32.11 8.81 -3.28
C SER C 10 -31.82 10.24 -2.81
N GLU C 11 -31.93 10.48 -1.49
CA GLU C 11 -31.61 11.78 -0.89
C GLU C 11 -30.67 11.57 0.30
N ARG C 12 -29.45 11.11 0.02
CA ARG C 12 -28.49 10.81 1.07
C ARG C 12 -27.82 12.05 1.66
N LEU C 13 -28.00 13.21 1.04
CA LEU C 13 -27.37 14.44 1.51
C LEU C 13 -28.42 15.53 1.71
N LYS C 14 -29.60 15.13 2.19
CA LYS C 14 -30.73 16.05 2.33
C LYS C 14 -30.39 17.22 3.23
N ASP C 15 -30.46 18.43 2.68
CA ASP C 15 -30.19 19.70 3.34
C ASP C 15 -28.75 19.85 3.82
N ARG C 16 -27.86 18.98 3.37
CA ARG C 16 -26.43 19.16 3.63
C ARG C 16 -25.91 20.25 2.70
N VAL C 17 -24.83 20.91 3.13
CA VAL C 17 -24.20 21.98 2.36
C VAL C 17 -22.86 21.47 1.86
N ALA C 18 -22.68 21.47 0.55
CA ALA C 18 -21.44 21.02 -0.07
C ALA C 18 -20.82 22.16 -0.85
N LEU C 19 -19.48 22.23 -0.79
CA LEU C 19 -18.70 23.13 -1.64
C LEU C 19 -17.85 22.25 -2.54
N VAL C 20 -17.98 22.42 -3.85
CA VAL C 20 -17.27 21.61 -4.83
C VAL C 20 -16.39 22.52 -5.68
N THR C 21 -15.08 22.31 -5.64
CA THR C 21 -14.23 23.08 -6.53
C THR C 21 -14.06 22.38 -7.89
N GLY C 22 -13.62 23.14 -8.88
CA GLY C 22 -13.60 22.68 -10.25
C GLY C 22 -14.96 22.23 -10.74
N ALA C 23 -16.03 22.87 -10.26
CA ALA C 23 -17.39 22.36 -10.44
C ALA C 23 -17.96 22.61 -11.83
N ALA C 24 -17.26 23.34 -12.69
CA ALA C 24 -17.90 23.72 -13.93
C ALA C 24 -17.76 22.67 -15.04
N SER C 25 -17.02 21.59 -14.79
CA SER C 25 -16.84 20.58 -15.82
C SER C 25 -16.45 19.26 -15.18
N GLY C 26 -16.40 18.23 -16.02
CA GLY C 26 -15.86 16.92 -15.65
C GLY C 26 -16.40 16.37 -14.35
N ILE C 27 -15.47 15.86 -13.53
CA ILE C 27 -15.86 15.24 -12.27
C ILE C 27 -16.55 16.24 -11.36
N GLY C 28 -16.07 17.48 -11.35
CA GLY C 28 -16.65 18.48 -10.46
C GLY C 28 -18.09 18.78 -10.79
N ALA C 29 -18.39 18.94 -12.08
CA ALA C 29 -19.77 19.18 -12.51
C ALA C 29 -20.67 17.99 -12.19
N ALA C 30 -20.19 16.77 -12.50
CA ALA C 30 -20.95 15.56 -12.20
C ALA C 30 -21.23 15.43 -10.71
N THR C 31 -20.24 15.83 -9.90
CA THR C 31 -20.41 15.78 -8.44
C THR C 31 -21.41 16.81 -7.96
N ALA C 32 -21.31 18.04 -8.48
CA ALA C 32 -22.29 19.06 -8.14
C ALA C 32 -23.70 18.60 -8.50
N ARG C 33 -23.88 18.05 -9.70
CA ARG C 33 -25.19 17.57 -10.11
C ARG C 33 -25.69 16.47 -9.17
N LEU C 34 -24.86 15.48 -8.88
CA LEU C 34 -25.34 14.35 -8.10
C LEU C 34 -25.64 14.76 -6.67
N MET C 35 -24.78 15.59 -6.08
CA MET C 35 -25.03 16.04 -4.71
C MET C 35 -26.31 16.86 -4.62
N ALA C 36 -26.57 17.71 -5.62
CA ALA C 36 -27.83 18.43 -5.68
C ALA C 36 -29.01 17.47 -5.79
N GLN C 37 -28.89 16.47 -6.66
CA GLN C 37 -29.92 15.43 -6.79
C GLN C 37 -30.14 14.67 -5.49
N GLU C 38 -29.07 14.48 -4.70
CA GLU C 38 -29.19 13.82 -3.41
C GLU C 38 -29.67 14.76 -2.31
N GLY C 39 -30.09 15.97 -2.68
CA GLY C 39 -30.74 16.88 -1.75
C GLY C 39 -29.85 17.93 -1.11
N ALA C 40 -28.62 18.07 -1.56
CA ALA C 40 -27.69 19.01 -0.94
C ALA C 40 -27.82 20.41 -1.54
N PHE C 41 -27.50 21.42 -0.72
CA PHE C 41 -27.23 22.78 -1.19
C PHE C 41 -25.78 22.87 -1.64
N VAL C 42 -25.57 23.19 -2.92
CA VAL C 42 -24.24 23.11 -3.52
C VAL C 42 -23.74 24.50 -3.86
N VAL C 43 -22.53 24.81 -3.42
CA VAL C 43 -21.80 25.99 -3.86
C VAL C 43 -20.79 25.49 -4.88
N LEU C 44 -20.91 25.98 -6.11
CA LEU C 44 -20.03 25.58 -7.21
C LEU C 44 -18.86 26.54 -7.31
N ALA C 45 -17.64 26.04 -7.15
CA ALA C 45 -16.46 26.87 -7.19
C ALA C 45 -15.64 26.52 -8.42
N ASP C 46 -15.27 27.54 -9.19
CA ASP C 46 -14.46 27.35 -10.39
C ASP C 46 -14.03 28.73 -10.88
N VAL C 47 -13.10 28.74 -11.83
CA VAL C 47 -12.70 29.96 -12.51
C VAL C 47 -13.45 30.14 -13.82
N ASP C 48 -14.24 29.15 -14.25
CA ASP C 48 -15.02 29.25 -15.48
C ASP C 48 -16.38 29.82 -15.13
N GLU C 49 -16.52 31.15 -15.29
CA GLU C 49 -17.72 31.86 -14.84
C GLU C 49 -18.94 31.48 -15.68
N HIS C 50 -18.80 31.46 -17.00
CA HIS C 50 -19.94 31.16 -17.84
C HIS C 50 -20.47 29.76 -17.60
N ALA C 51 -19.57 28.77 -17.60
CA ALA C 51 -20.01 27.41 -17.32
C ALA C 51 -20.49 27.27 -15.88
N GLY C 52 -19.81 27.92 -14.94
CA GLY C 52 -20.21 27.80 -13.54
C GLY C 52 -21.57 28.38 -13.27
N GLN C 53 -21.83 29.59 -13.79
CA GLN C 53 -23.14 30.21 -13.60
C GLN C 53 -24.24 29.41 -14.30
N ALA C 54 -23.94 28.86 -15.48
CA ALA C 54 -24.95 28.07 -16.19
C ALA C 54 -25.34 26.83 -15.38
N LEU C 55 -24.34 26.16 -14.78
CA LEU C 55 -24.66 24.98 -13.98
C LEU C 55 -25.45 25.37 -12.73
N ALA C 56 -25.10 26.50 -12.11
CA ALA C 56 -25.84 26.97 -10.95
C ALA C 56 -27.30 27.27 -11.29
N ARG C 57 -27.54 27.85 -12.47
CA ARG C 57 -28.93 28.05 -12.88
CA ARG C 57 -28.92 28.06 -12.89
C ARG C 57 -29.64 26.73 -13.12
N GLU C 58 -28.92 25.71 -13.58
CA GLU C 58 -29.54 24.42 -13.86
C GLU C 58 -29.95 23.70 -12.58
N LEU C 59 -29.12 23.76 -11.55
CA LEU C 59 -29.36 22.98 -10.33
C LEU C 59 -30.20 23.76 -9.33
N ARG C 60 -31.14 23.07 -8.71
CA ARG C 60 -31.96 23.71 -7.68
C ARG C 60 -31.10 24.03 -6.46
N ASP C 61 -31.19 25.28 -6.01
CA ASP C 61 -30.53 25.76 -4.79
C ASP C 61 -29.01 25.78 -4.89
N ALA C 62 -28.45 25.80 -6.09
CA ALA C 62 -27.02 25.92 -6.28
C ALA C 62 -26.64 27.36 -6.57
N THR C 63 -25.42 27.74 -6.17
CA THR C 63 -24.89 29.06 -6.48
C THR C 63 -23.44 28.88 -6.92
N PHE C 64 -22.94 29.84 -7.68
CA PHE C 64 -21.57 29.83 -8.20
C PHE C 64 -20.72 30.81 -7.39
N ALA C 65 -19.48 30.42 -7.11
CA ALA C 65 -18.55 31.31 -6.41
C ALA C 65 -17.20 31.20 -7.10
N TYR C 66 -16.78 32.29 -7.75
CA TYR C 66 -15.52 32.28 -8.49
C TYR C 66 -14.38 31.90 -7.56
N THR C 67 -13.60 30.89 -7.93
CA THR C 67 -12.56 30.38 -7.03
C THR C 67 -11.41 29.80 -7.84
N ASP C 68 -10.24 30.43 -7.74
CA ASP C 68 -8.98 29.84 -8.17
C ASP C 68 -8.35 29.19 -6.94
N VAL C 69 -8.36 27.85 -6.90
CA VAL C 69 -7.90 27.15 -5.69
C VAL C 69 -6.41 27.30 -5.45
N SER C 70 -5.65 27.80 -6.41
CA SER C 70 -4.24 28.07 -6.11
C SER C 70 -4.06 29.30 -5.23
N VAL C 71 -5.12 30.06 -4.96
CA VAL C 71 -5.06 31.29 -4.16
C VAL C 71 -5.79 31.02 -2.85
N GLU C 72 -5.05 30.97 -1.74
CA GLU C 72 -5.67 30.59 -0.47
C GLU C 72 -6.85 31.48 -0.13
N ALA C 73 -6.70 32.79 -0.37
CA ALA C 73 -7.75 33.75 0.00
C ALA C 73 -9.04 33.44 -0.73
N GLN C 74 -8.95 33.00 -1.99
CA GLN C 74 -10.16 32.69 -2.73
C GLN C 74 -10.83 31.41 -2.21
N VAL C 75 -10.03 30.43 -1.80
CA VAL C 75 -10.59 29.21 -1.20
C VAL C 75 -11.29 29.56 0.11
N ALA C 76 -10.64 30.37 0.94
CA ALA C 76 -11.24 30.78 2.20
C ALA C 76 -12.53 31.55 1.96
N ALA C 77 -12.54 32.40 0.94
CA ALA C 77 -13.73 33.19 0.60
C ALA C 77 -14.86 32.32 0.10
N ALA C 78 -14.56 31.23 -0.61
CA ALA C 78 -15.63 30.32 -1.04
C ALA C 78 -16.26 29.60 0.15
N VAL C 79 -15.45 29.15 1.11
CA VAL C 79 -15.99 28.59 2.35
C VAL C 79 -16.87 29.60 3.06
N ASP C 80 -16.38 30.85 3.20
CA ASP C 80 -17.18 31.88 3.85
C ASP C 80 -18.50 32.11 3.12
N GLU C 81 -18.47 32.06 1.79
CA GLU C 81 -19.70 32.21 1.00
C GLU C 81 -20.69 31.08 1.33
N ALA C 82 -20.20 29.85 1.41
CA ALA C 82 -21.07 28.75 1.82
C ALA C 82 -21.69 29.02 3.19
N LEU C 83 -20.87 29.49 4.14
CA LEU C 83 -21.39 29.77 5.48
C LEU C 83 -22.37 30.94 5.47
N ARG C 84 -22.08 32.01 4.71
CA ARG C 84 -22.99 33.15 4.67
C ARG C 84 -24.35 32.77 4.09
N LEU C 85 -24.36 31.96 3.04
CA LEU C 85 -25.59 31.55 2.36
C LEU C 85 -26.37 30.52 3.16
N HIS C 86 -25.69 29.57 3.78
CA HIS C 86 -26.36 28.41 4.36
C HIS C 86 -26.08 28.17 5.83
N GLY C 87 -25.18 28.93 6.45
CA GLY C 87 -24.93 28.82 7.88
C GLY C 87 -24.05 27.67 8.30
N ARG C 88 -23.69 26.77 7.39
CA ARG C 88 -22.86 25.62 7.74
C ARG C 88 -22.18 25.11 6.48
N LEU C 89 -21.17 24.26 6.68
CA LEU C 89 -20.53 23.51 5.60
C LEU C 89 -20.40 22.06 6.03
N ASP C 90 -21.01 21.15 5.28
CA ASP C 90 -21.00 19.74 5.65
C ASP C 90 -20.01 18.92 4.86
N CYS C 91 -19.76 19.29 3.61
CA CYS C 91 -18.91 18.50 2.73
C CYS C 91 -18.08 19.44 1.88
N MET C 92 -16.78 19.20 1.83
CA MET C 92 -15.85 19.94 0.97
C MET C 92 -15.26 18.99 -0.05
N VAL C 93 -15.28 19.36 -1.34
CA VAL C 93 -14.70 18.52 -2.39
C VAL C 93 -13.58 19.30 -3.06
N ASN C 94 -12.33 18.89 -2.81
CA ASN C 94 -11.16 19.49 -3.44
C ASN C 94 -10.95 18.79 -4.76
N ASN C 95 -11.37 19.43 -5.85
CA ASN C 95 -11.32 18.83 -7.17
C ASN C 95 -10.77 19.84 -8.17
N ALA C 96 -9.92 19.37 -9.08
CA ALA C 96 -9.42 20.21 -10.17
C ALA C 96 -9.27 19.35 -11.41
N GLY C 97 -9.84 19.82 -12.52
CA GLY C 97 -9.64 19.22 -13.82
C GLY C 97 -8.40 19.82 -14.44
N PHE C 98 -7.23 19.36 -14.02
CA PHE C 98 -5.98 20.07 -14.28
C PHE C 98 -4.84 19.08 -14.24
N VAL C 99 -3.88 19.21 -15.16
CA VAL C 99 -2.74 18.30 -15.24
C VAL C 99 -1.42 19.03 -15.03
N GLY C 100 -1.17 20.08 -15.82
CA GLY C 100 0.01 20.90 -15.65
C GLY C 100 1.23 20.36 -16.39
N ALA C 101 2.37 20.34 -15.71
CA ALA C 101 3.62 20.03 -16.35
C ALA C 101 3.68 18.58 -16.79
N TYR C 102 4.23 18.34 -17.98
CA TYR C 102 4.44 16.97 -18.42
C TYR C 102 5.74 16.95 -19.23
N GLY C 103 6.16 15.74 -19.59
CA GLY C 103 7.38 15.59 -20.38
C GLY C 103 8.56 15.35 -19.46
N SER C 104 9.75 15.40 -20.05
CA SER C 104 10.94 14.92 -19.37
C SER C 104 11.29 15.78 -18.16
N ILE C 105 11.66 15.09 -17.07
CA ILE C 105 12.05 15.79 -15.86
C ILE C 105 13.33 16.60 -16.08
N LEU C 106 14.17 16.20 -17.06
CA LEU C 106 15.43 16.91 -17.25
C LEU C 106 15.22 18.38 -17.59
N GLU C 107 14.09 18.71 -18.22
CA GLU C 107 13.87 20.07 -18.72
C GLU C 107 12.55 20.63 -18.19
N THR C 108 12.04 20.09 -17.10
CA THR C 108 10.88 20.65 -16.43
C THR C 108 11.30 21.87 -15.63
N SER C 109 10.69 23.02 -15.91
CA SER C 109 11.07 24.24 -15.24
C SER C 109 10.50 24.27 -13.82
N ALA C 110 11.17 25.02 -12.95
CA ALA C 110 10.63 25.26 -11.61
C ALA C 110 9.28 25.96 -11.71
N ALA C 111 9.13 26.86 -12.68
CA ALA C 111 7.86 27.56 -12.82
C ALA C 111 6.73 26.59 -13.15
N ALA C 112 6.97 25.65 -14.08
CA ALA C 112 5.96 24.66 -14.39
C ALA C 112 5.71 23.73 -13.20
N TRP C 113 6.78 23.33 -12.50
CA TRP C 113 6.64 22.52 -11.29
C TRP C 113 5.76 23.24 -10.26
N HIS C 114 6.07 24.51 -9.96
CA HIS C 114 5.33 25.25 -8.94
C HIS C 114 3.89 25.54 -9.37
N ALA C 115 3.67 25.90 -10.65
CA ALA C 115 2.31 26.11 -11.12
C ALA C 115 1.46 24.85 -10.95
N THR C 116 2.03 23.68 -11.27
CA THR C 116 1.27 22.43 -11.16
C THR C 116 0.90 22.16 -9.70
N LEU C 117 1.89 22.24 -8.81
CA LEU C 117 1.66 21.95 -7.39
C LEU C 117 0.76 23.00 -6.74
N GLY C 118 0.74 24.23 -7.25
CA GLY C 118 -0.14 25.26 -6.70
C GLY C 118 -1.60 24.87 -6.81
N VAL C 119 -1.99 24.30 -7.94
CA VAL C 119 -3.35 23.85 -8.15
C VAL C 119 -3.59 22.49 -7.47
N LEU C 120 -2.73 21.51 -7.74
CA LEU C 120 -3.04 20.14 -7.38
C LEU C 120 -2.73 19.81 -5.92
N LEU C 121 -1.83 20.54 -5.29
CA LEU C 121 -1.45 20.27 -3.91
C LEU C 121 -1.77 21.45 -3.00
N ASP C 122 -1.27 22.66 -3.30
CA ASP C 122 -1.55 23.79 -2.42
C ASP C 122 -3.05 24.01 -2.31
N GLY C 123 -3.76 23.89 -3.43
CA GLY C 123 -5.21 24.08 -3.43
C GLY C 123 -5.92 23.09 -2.50
N VAL C 124 -5.42 21.87 -2.42
CA VAL C 124 -6.02 20.89 -1.51
C VAL C 124 -5.73 21.28 -0.06
N PHE C 125 -4.49 21.69 0.23
CA PHE C 125 -4.15 22.15 1.58
C PHE C 125 -5.04 23.32 2.02
N TYR C 126 -5.19 24.32 1.15
CA TYR C 126 -6.04 25.47 1.50
C TYR C 126 -7.47 25.02 1.75
N GLY C 127 -7.98 24.11 0.90
CA GLY C 127 -9.34 23.63 1.08
C GLY C 127 -9.52 22.85 2.37
N ILE C 128 -8.56 21.98 2.69
CA ILE C 128 -8.68 21.25 3.96
C ILE C 128 -8.59 22.23 5.12
N LYS C 129 -7.63 23.15 5.06
CA LYS C 129 -7.45 24.10 6.15
C LYS C 129 -8.75 24.88 6.42
N HIS C 130 -9.31 25.50 5.39
CA HIS C 130 -10.44 26.40 5.64
C HIS C 130 -11.76 25.65 5.81
N ALA C 131 -11.97 24.55 5.10
CA ALA C 131 -13.17 23.74 5.40
C ALA C 131 -13.14 23.22 6.84
N ALA C 132 -11.97 22.79 7.30
CA ALA C 132 -11.86 22.25 8.65
C ALA C 132 -12.15 23.33 9.69
N ARG C 133 -11.71 24.58 9.45
CA ARG C 133 -12.03 25.68 10.35
C ARG C 133 -13.53 25.79 10.56
N ALA C 134 -14.31 25.68 9.49
CA ALA C 134 -15.76 25.72 9.67
C ALA C 134 -16.27 24.45 10.35
N MET C 135 -15.66 23.31 10.04
CA MET C 135 -16.25 22.03 10.43
C MET C 135 -15.96 21.66 11.87
N VAL C 136 -14.77 21.98 12.39
CA VAL C 136 -14.49 21.62 13.78
C VAL C 136 -15.43 22.35 14.71
N LYS C 137 -15.94 23.52 14.31
CA LYS C 137 -16.95 24.20 15.11
C LYS C 137 -18.26 23.41 15.14
N GLN C 138 -18.64 22.84 14.00
CA GLN C 138 -19.85 22.01 13.93
C GLN C 138 -19.70 20.71 14.73
N GLY C 139 -18.48 20.19 14.86
CA GLY C 139 -18.31 18.84 15.35
C GLY C 139 -18.65 17.78 14.34
N SER C 140 -18.69 18.12 13.05
CA SER C 140 -19.01 17.14 12.01
C SER C 140 -18.62 17.75 10.67
N GLY C 141 -18.48 16.88 9.69
CA GLY C 141 -18.14 17.32 8.35
C GLY C 141 -17.27 16.30 7.66
N CYS C 142 -17.19 16.43 6.33
CA CYS C 142 -16.51 15.47 5.49
C CYS C 142 -15.70 16.24 4.46
N ILE C 143 -14.38 16.05 4.44
CA ILE C 143 -13.51 16.71 3.49
C ILE C 143 -12.99 15.68 2.49
N LEU C 144 -13.26 15.90 1.22
CA LEU C 144 -12.97 14.91 0.19
C LEU C 144 -12.09 15.53 -0.89
N SER C 145 -11.07 14.80 -1.32
CA SER C 145 -10.17 15.29 -2.35
C SER C 145 -10.17 14.30 -3.52
N VAL C 146 -10.22 14.82 -4.74
CA VAL C 146 -10.16 13.97 -5.93
C VAL C 146 -8.68 13.84 -6.27
N ALA C 147 -8.10 12.71 -5.88
CA ALA C 147 -6.69 12.49 -6.22
C ALA C 147 -6.68 11.78 -7.57
N SER C 148 -6.01 10.64 -7.67
CA SER C 148 -5.83 9.91 -8.92
C SER C 148 -5.05 8.64 -8.63
N THR C 149 -5.15 7.67 -9.54
CA THR C 149 -4.27 6.51 -9.46
C THR C 149 -2.80 6.91 -9.50
N ALA C 150 -2.49 8.07 -10.12
CA ALA C 150 -1.13 8.59 -10.08
C ALA C 150 -0.68 8.98 -8.67
N GLY C 151 -1.60 9.06 -7.72
CA GLY C 151 -1.23 9.25 -6.34
C GLY C 151 -0.89 7.97 -5.61
N VAL C 152 -1.07 6.84 -6.27
CA VAL C 152 -0.85 5.54 -5.66
C VAL C 152 0.38 4.81 -6.20
N MET C 153 0.85 5.16 -7.40
CA MET C 153 2.06 4.57 -7.95
C MET C 153 2.57 5.47 -9.09
N GLY C 154 3.80 5.18 -9.54
CA GLY C 154 4.37 5.87 -10.68
C GLY C 154 3.94 5.24 -12.01
N GLY C 155 4.29 5.92 -13.10
CA GLY C 155 3.99 5.47 -14.44
C GLY C 155 2.58 5.73 -14.93
N LEU C 156 1.74 6.42 -14.14
CA LEU C 156 0.35 6.66 -14.51
C LEU C 156 0.03 8.12 -14.79
N GLY C 157 0.99 9.01 -14.62
CA GLY C 157 0.79 10.42 -14.95
C GLY C 157 2.13 11.12 -15.02
N PRO C 158 2.11 12.41 -15.36
CA PRO C 158 3.35 13.19 -15.39
C PRO C 158 4.01 13.29 -14.01
N HIS C 159 5.26 13.76 -14.00
CA HIS C 159 6.02 13.76 -12.75
C HIS C 159 5.40 14.67 -11.72
N ALA C 160 5.09 15.91 -12.09
CA ALA C 160 4.52 16.83 -11.10
C ALA C 160 3.16 16.34 -10.66
N TYR C 161 2.34 15.91 -11.61
CA TYR C 161 1.04 15.31 -11.31
C TYR C 161 1.19 14.18 -10.31
N THR C 162 2.11 13.25 -10.57
CA THR C 162 2.25 12.09 -9.72
C THR C 162 2.69 12.50 -8.31
N SER C 163 3.66 13.43 -8.21
CA SER C 163 4.13 13.87 -6.90
CA SER C 163 4.13 13.87 -6.90
C SER C 163 3.01 14.56 -6.13
N ALA C 164 2.30 15.48 -6.79
CA ALA C 164 1.20 16.20 -6.17
C ALA C 164 0.13 15.24 -5.66
N LYS C 165 -0.24 14.25 -6.47
CA LYS C 165 -1.33 13.35 -6.09
C LYS C 165 -0.91 12.46 -4.93
N HIS C 166 0.38 12.02 -4.89
CA HIS C 166 0.90 11.32 -3.72
C HIS C 166 0.83 12.21 -2.49
N ALA C 167 1.19 13.49 -2.65
CA ALA C 167 1.13 14.44 -1.54
C ALA C 167 -0.29 14.63 -1.02
N VAL C 168 -1.28 14.66 -1.94
CA VAL C 168 -2.68 14.79 -1.57
C VAL C 168 -3.14 13.61 -0.72
N ILE C 169 -2.71 12.40 -1.08
CA ILE C 169 -3.02 11.24 -0.25
CA ILE C 169 -3.05 11.25 -0.25
C ILE C 169 -2.36 11.35 1.11
N GLY C 170 -1.10 11.81 1.15
CA GLY C 170 -0.44 11.99 2.43
C GLY C 170 -1.11 13.06 3.30
N LEU C 171 -1.48 14.18 2.69
CA LEU C 171 -2.17 15.23 3.43
C LEU C 171 -3.54 14.75 3.89
N THR C 172 -4.23 13.97 3.05
CA THR C 172 -5.49 13.35 3.45
C THR C 172 -5.32 12.54 4.74
N ARG C 173 -4.31 11.67 4.77
CA ARG C 173 -4.06 10.84 5.93
C ARG C 173 -3.63 11.68 7.13
N SER C 174 -2.80 12.68 6.89
CA SER C 174 -2.26 13.50 7.97
C SER C 174 -3.37 14.32 8.61
N ALA C 175 -4.17 14.99 7.78
CA ALA C 175 -5.28 15.79 8.29
C ALA C 175 -6.29 14.93 9.04
N ALA C 176 -6.55 13.71 8.53
CA ALA C 176 -7.49 12.83 9.22
C ALA C 176 -7.01 12.55 10.64
N SER C 177 -5.70 12.38 10.83
CA SER C 177 -5.20 12.05 12.16
C SER C 177 -5.40 13.20 13.12
N GLU C 178 -5.38 14.46 12.62
CA GLU C 178 -5.72 15.58 13.50
C GLU C 178 -7.21 15.70 13.71
N LEU C 179 -7.99 15.61 12.63
CA LEU C 179 -9.38 16.05 12.69
C LEU C 179 -10.35 14.99 13.17
N ALA C 180 -9.97 13.71 13.14
CA ALA C 180 -10.89 12.64 13.53
C ALA C 180 -11.47 12.84 14.93
N PRO C 181 -10.69 13.09 15.98
CA PRO C 181 -11.33 13.31 17.31
C PRO C 181 -12.22 14.54 17.36
N ARG C 182 -12.12 15.45 16.38
CA ARG C 182 -13.02 16.60 16.30
C ARG C 182 -14.32 16.28 15.56
N GLY C 183 -14.50 15.03 15.13
CA GLY C 183 -15.70 14.64 14.42
C GLY C 183 -15.69 14.88 12.92
N VAL C 184 -14.53 15.20 12.33
CA VAL C 184 -14.44 15.57 10.91
C VAL C 184 -13.65 14.51 10.19
N ARG C 185 -14.22 13.97 9.11
CA ARG C 185 -13.58 12.93 8.32
C ARG C 185 -12.88 13.54 7.12
N VAL C 186 -11.79 12.89 6.70
CA VAL C 186 -11.02 13.30 5.53
C VAL C 186 -10.72 12.05 4.70
N ASN C 187 -11.12 12.08 3.42
CA ASN C 187 -10.95 10.94 2.53
C ASN C 187 -10.57 11.43 1.14
N ALA C 188 -10.22 10.49 0.27
CA ALA C 188 -9.87 10.81 -1.10
C ALA C 188 -10.47 9.76 -2.03
N VAL C 189 -10.70 10.15 -3.29
CA VAL C 189 -11.06 9.22 -4.34
CA VAL C 189 -11.06 9.23 -4.35
C VAL C 189 -9.96 9.27 -5.39
N ALA C 190 -9.64 8.13 -5.99
CA ALA C 190 -8.55 8.03 -6.95
C ALA C 190 -9.09 7.45 -8.25
N PRO C 191 -9.62 8.30 -9.14
CA PRO C 191 -10.04 7.81 -10.46
C PRO C 191 -8.82 7.37 -11.25
N GLY C 192 -9.03 6.34 -12.09
CA GLY C 192 -8.08 6.07 -13.13
C GLY C 192 -8.12 7.18 -14.16
N THR C 193 -7.04 7.34 -14.91
CA THR C 193 -7.03 8.31 -16.00
C THR C 193 -6.32 7.71 -17.21
N THR C 194 -6.38 8.42 -18.32
CA THR C 194 -5.61 8.09 -19.51
C THR C 194 -4.89 9.34 -19.99
N VAL C 195 -3.87 9.14 -20.83
CA VAL C 195 -3.15 10.29 -21.36
C VAL C 195 -4.02 11.03 -22.37
N THR C 196 -4.96 10.34 -23.03
CA THR C 196 -5.89 11.01 -23.95
C THR C 196 -6.77 12.02 -23.22
N GLU C 197 -7.38 11.60 -22.10
CA GLU C 197 -8.16 12.53 -21.29
C GLU C 197 -7.31 13.71 -20.83
N MET C 198 -6.05 13.47 -20.51
CA MET C 198 -5.16 14.54 -20.08
C MET C 198 -4.85 15.50 -21.21
N MET C 199 -4.52 14.97 -22.39
CA MET C 199 -3.97 15.71 -23.51
C MET C 199 -5.04 16.22 -24.48
N VAL C 200 -6.04 15.40 -24.79
CA VAL C 200 -6.90 15.69 -25.92
C VAL C 200 -7.98 16.68 -25.49
N GLN C 201 -7.96 17.87 -26.08
CA GLN C 201 -8.97 18.88 -25.88
C GLN C 201 -9.41 19.41 -27.24
N GLY C 202 -10.64 19.87 -27.31
CA GLY C 202 -11.22 20.28 -28.56
C GLY C 202 -12.67 19.89 -28.61
N ARG C 203 -13.21 19.76 -29.82
CA ARG C 203 -14.64 19.55 -29.99
C ARG C 203 -15.04 18.07 -29.98
N GLY C 204 -14.13 17.17 -30.36
CA GLY C 204 -14.36 15.74 -30.21
C GLY C 204 -13.74 15.13 -28.97
N SER C 205 -13.23 15.96 -28.06
CA SER C 205 -12.48 15.45 -26.91
C SER C 205 -13.29 14.49 -26.05
N ARG C 206 -14.62 14.65 -26.01
CA ARG C 206 -15.43 13.80 -25.14
C ARG C 206 -15.35 12.35 -25.58
N GLN C 207 -15.51 12.08 -26.87
CA GLN C 207 -15.53 10.71 -27.37
C GLN C 207 -14.13 10.10 -27.38
N ALA C 208 -13.11 10.91 -27.73
CA ALA C 208 -11.74 10.43 -27.63
C ALA C 208 -11.44 9.90 -26.22
N ALA C 209 -11.87 10.62 -25.18
CA ALA C 209 -11.62 10.13 -23.83
C ALA C 209 -12.42 8.85 -23.53
N ILE C 210 -13.63 8.73 -24.04
CA ILE C 210 -14.42 7.50 -23.83
C ILE C 210 -13.73 6.31 -24.49
N ASP C 211 -13.30 6.47 -25.75
CA ASP C 211 -12.52 5.43 -26.43
C ASP C 211 -11.29 5.04 -25.62
N ALA C 212 -10.49 6.03 -25.23
CA ALA C 212 -9.27 5.77 -24.46
C ALA C 212 -9.56 5.01 -23.17
N ALA C 213 -10.59 5.44 -22.44
CA ALA C 213 -10.94 4.77 -21.19
C ALA C 213 -11.42 3.34 -21.45
N THR C 214 -12.08 3.09 -22.57
CA THR C 214 -12.52 1.73 -22.88
C THR C 214 -11.34 0.78 -23.01
N ARG C 215 -10.36 1.12 -23.87
CA ARG C 215 -9.21 0.25 -24.08
C ARG C 215 -8.38 0.09 -22.81
N ALA C 216 -8.36 1.10 -21.95
CA ALA C 216 -7.54 1.04 -20.74
C ALA C 216 -8.16 0.21 -19.63
N SER C 217 -9.49 0.01 -19.63
CA SER C 217 -10.13 -0.72 -18.53
C SER C 217 -10.05 -2.22 -18.76
N PRO C 218 -9.59 -2.99 -17.77
CA PRO C 218 -9.71 -4.46 -17.89
C PRO C 218 -11.14 -4.91 -18.01
N LEU C 219 -12.09 -4.12 -17.51
CA LEU C 219 -13.50 -4.43 -17.67
C LEU C 219 -14.02 -4.04 -19.05
N GLY C 220 -13.23 -3.33 -19.86
CA GLY C 220 -13.63 -3.16 -21.23
C GLY C 220 -14.61 -2.03 -21.48
N THR C 221 -15.09 -1.36 -20.43
CA THR C 221 -16.05 -0.26 -20.50
C THR C 221 -15.46 1.03 -19.93
N PRO C 222 -15.90 2.19 -20.39
CA PRO C 222 -15.26 3.45 -19.98
C PRO C 222 -15.74 3.98 -18.62
N LEU C 223 -14.78 4.47 -17.84
CA LEU C 223 -15.11 5.16 -16.59
C LEU C 223 -15.72 6.53 -16.90
N MET C 224 -16.88 6.81 -16.29
CA MET C 224 -17.54 8.09 -16.56
C MET C 224 -17.49 8.98 -15.33
N PRO C 225 -17.51 10.31 -15.49
CA PRO C 225 -17.42 11.19 -14.31
C PRO C 225 -18.50 10.95 -13.30
N GLN C 226 -19.68 10.53 -13.73
CA GLN C 226 -20.79 10.28 -12.81
CA GLN C 226 -20.77 10.29 -12.79
C GLN C 226 -20.42 9.22 -11.77
N GLU C 227 -19.55 8.27 -12.13
CA GLU C 227 -19.17 7.22 -11.18
C GLU C 227 -18.27 7.75 -10.08
N ILE C 228 -17.41 8.71 -10.40
CA ILE C 228 -16.60 9.35 -9.37
C ILE C 228 -17.48 10.19 -8.47
N ALA C 229 -18.43 10.93 -9.06
CA ALA C 229 -19.44 11.62 -8.28
C ALA C 229 -20.11 10.66 -7.29
N ALA C 230 -20.47 9.46 -7.76
CA ALA C 230 -21.14 8.51 -6.86
C ALA C 230 -20.22 8.03 -5.76
N ALA C 231 -18.92 7.87 -6.07
CA ALA C 231 -17.97 7.48 -5.03
C ALA C 231 -17.85 8.56 -3.98
N LEU C 232 -17.80 9.83 -4.41
CA LEU C 232 -17.75 10.93 -3.47
C LEU C 232 -19.02 11.01 -2.63
N VAL C 233 -20.18 10.80 -3.26
CA VAL C 233 -21.41 10.83 -2.48
C VAL C 233 -21.44 9.69 -1.47
N TYR C 234 -21.00 8.50 -1.89
CA TYR C 234 -20.84 7.41 -0.92
C TYR C 234 -19.98 7.85 0.27
N LEU C 235 -18.81 8.43 0.00
CA LEU C 235 -17.93 8.82 1.09
C LEU C 235 -18.53 9.92 1.96
N ALA C 236 -19.38 10.80 1.39
CA ALA C 236 -19.99 11.86 2.19
C ALA C 236 -21.22 11.38 2.96
N SER C 237 -21.77 10.23 2.59
CA SER C 237 -23.02 9.79 3.16
C SER C 237 -22.81 9.22 4.56
N ASP C 238 -23.90 9.12 5.32
CA ASP C 238 -23.80 8.54 6.66
C ASP C 238 -23.36 7.07 6.62
N ASP C 239 -23.58 6.35 5.50
CA ASP C 239 -23.07 4.98 5.39
C ASP C 239 -21.56 4.91 5.60
N ALA C 240 -20.84 5.98 5.28
CA ALA C 240 -19.39 5.98 5.31
C ALA C 240 -18.85 6.65 6.56
N ARG C 241 -19.64 6.70 7.64
CA ARG C 241 -19.22 7.50 8.79
C ARG C 241 -18.00 6.94 9.51
N HIS C 242 -17.59 5.70 9.25
CA HIS C 242 -16.32 5.19 9.76
C HIS C 242 -15.30 4.89 8.67
N VAL C 243 -15.55 5.33 7.44
CA VAL C 243 -14.53 5.35 6.40
C VAL C 243 -13.78 6.68 6.55
N ASN C 244 -12.50 6.60 6.88
CA ASN C 244 -11.72 7.79 7.18
C ASN C 244 -10.29 7.57 6.72
N ALA C 245 -9.68 8.64 6.19
CA ALA C 245 -8.31 8.62 5.65
C ALA C 245 -8.15 7.65 4.49
N HIS C 246 -9.24 7.22 3.89
CA HIS C 246 -9.19 6.15 2.89
C HIS C 246 -9.03 6.74 1.50
N THR C 247 -8.38 5.98 0.62
CA THR C 247 -8.30 6.36 -0.79
C THR C 247 -9.15 5.36 -1.56
N LEU C 248 -10.34 5.80 -1.96
CA LEU C 248 -11.24 4.93 -2.70
C LEU C 248 -10.83 4.95 -4.17
N VAL C 249 -10.29 3.83 -4.65
CA VAL C 249 -9.72 3.76 -5.99
C VAL C 249 -10.79 3.29 -6.97
N VAL C 250 -10.94 4.00 -8.09
CA VAL C 250 -11.95 3.68 -9.09
C VAL C 250 -11.19 3.59 -10.41
N ASP C 251 -10.61 2.41 -10.70
CA ASP C 251 -9.70 2.30 -11.83
C ASP C 251 -9.78 0.95 -12.54
N SER C 252 -10.87 0.22 -12.38
CA SER C 252 -11.03 -1.10 -12.99
C SER C 252 -9.96 -2.09 -12.54
N GLY C 253 -9.27 -1.80 -11.42
CA GLY C 253 -8.29 -2.71 -10.85
C GLY C 253 -6.87 -2.59 -11.34
N VAL C 254 -6.54 -1.56 -12.14
CA VAL C 254 -5.24 -1.51 -12.80
C VAL C 254 -4.09 -1.42 -11.79
N THR C 255 -4.26 -0.62 -10.73
CA THR C 255 -3.12 -0.37 -9.82
C THR C 255 -2.76 -1.62 -9.02
N VAL C 256 -3.73 -2.49 -8.73
CA VAL C 256 -3.50 -3.65 -7.88
C VAL C 256 -3.66 -4.97 -8.61
N ALA C 257 -4.12 -4.98 -9.87
CA ALA C 257 -4.31 -6.26 -10.57
C ALA C 257 -3.80 -6.17 -12.00
N GLY C 258 -3.14 -5.08 -12.37
CA GLY C 258 -2.47 -5.05 -13.65
C GLY C 258 -3.31 -4.42 -14.73
N ALA C 259 -2.62 -3.85 -15.72
CA ALA C 259 -3.26 -3.28 -16.88
C ALA C 259 -3.99 -4.35 -17.70
N SER C 260 -4.85 -3.89 -18.59
CA SER C 260 -5.65 -4.77 -19.43
C SER C 260 -4.74 -5.66 -20.28
N GLY C 261 -4.99 -6.96 -20.23
CA GLY C 261 -4.24 -7.90 -21.02
C GLY C 261 -2.93 -8.35 -20.42
N GLY C 262 -2.62 -7.91 -19.20
CA GLY C 262 -1.36 -8.28 -18.57
C GLY C 262 -1.35 -9.63 -17.89
N ALA C 263 -2.48 -10.32 -17.82
CA ALA C 263 -2.52 -11.58 -17.09
C ALA C 263 -3.28 -12.64 -17.88
N VAL C 264 -3.03 -12.71 -19.19
CA VAL C 264 -3.66 -13.73 -20.02
C VAL C 264 -3.22 -15.13 -19.62
N PHE C 265 -2.12 -15.26 -18.86
CA PHE C 265 -1.67 -16.59 -18.43
C PHE C 265 -2.68 -17.29 -17.53
N HIS C 266 -3.59 -16.55 -16.88
CA HIS C 266 -4.62 -17.19 -16.08
C HIS C 266 -5.53 -18.07 -16.93
N ASN C 267 -5.66 -17.77 -18.22
CA ASN C 267 -6.58 -18.52 -19.07
C ASN C 267 -5.98 -19.78 -19.66
N ARG C 268 -4.73 -20.09 -19.35
CA ARG C 268 -4.15 -21.35 -19.77
C ARG C 268 -4.93 -22.51 -19.14
N PRO C 269 -4.89 -23.69 -19.75
CA PRO C 269 -5.53 -24.86 -19.11
C PRO C 269 -4.95 -25.11 -17.72
N ALA C 270 -5.84 -25.34 -16.76
CA ALA C 270 -5.42 -25.59 -15.39
C ALA C 270 -4.43 -26.75 -15.32
N GLY C 271 -3.32 -26.53 -14.61
CA GLY C 271 -2.30 -27.54 -14.43
C GLY C 271 -1.55 -27.37 -13.13
N PHE C 272 -0.49 -28.13 -12.92
CA PHE C 272 0.33 -28.04 -11.72
C PHE C 272 1.78 -28.24 -12.08
N MET C 273 2.65 -27.33 -11.63
CA MET C 273 4.07 -27.36 -11.96
C MET C 273 4.87 -27.39 -10.67
N GLY C 274 5.70 -28.41 -10.51
CA GLY C 274 6.55 -28.55 -9.34
C GLY C 274 6.30 -29.85 -8.62
N ARG C 275 6.86 -29.95 -7.41
CA ARG C 275 6.75 -31.17 -6.60
C ARG C 275 5.44 -31.22 -5.81
N SER D 10 35.78 -2.79 2.76
CA SER D 10 35.03 -3.47 1.70
C SER D 10 35.11 -2.72 0.38
N GLU D 11 34.94 -1.40 0.44
CA GLU D 11 35.02 -0.50 -0.71
C GLU D 11 34.02 -0.87 -1.82
N ARG D 12 32.74 -0.76 -1.48
CA ARG D 12 31.66 -1.04 -2.42
C ARG D 12 31.40 0.11 -3.39
N LEU D 13 31.98 1.28 -3.14
CA LEU D 13 31.81 2.45 -3.98
C LEU D 13 33.17 2.99 -4.42
N LYS D 14 34.10 2.06 -4.69
CA LYS D 14 35.47 2.44 -5.03
C LYS D 14 35.48 3.33 -6.25
N ASP D 15 36.01 4.54 -6.07
CA ASP D 15 36.15 5.55 -7.12
C ASP D 15 34.81 6.02 -7.68
N ARG D 16 33.70 5.72 -7.00
CA ARG D 16 32.44 6.36 -7.36
C ARG D 16 32.42 7.78 -6.83
N VAL D 17 31.64 8.63 -7.50
CA VAL D 17 31.49 10.03 -7.12
C VAL D 17 30.09 10.22 -6.56
N ALA D 18 30.01 10.68 -5.31
CA ALA D 18 28.73 10.91 -4.64
C ALA D 18 28.57 12.37 -4.26
N LEU D 19 27.34 12.87 -4.41
CA LEU D 19 26.96 14.19 -3.93
C LEU D 19 25.88 13.98 -2.87
N VAL D 20 26.15 14.46 -1.65
CA VAL D 20 25.26 14.29 -0.51
C VAL D 20 24.85 15.68 -0.01
N THR D 21 23.55 15.95 -0.03
CA THR D 21 23.07 17.21 0.51
C THR D 21 22.75 17.07 1.99
N GLY D 22 22.70 18.21 2.69
CA GLY D 22 22.57 18.21 4.13
C GLY D 22 23.67 17.41 4.81
N ALA D 23 24.87 17.46 4.22
CA ALA D 23 25.94 16.54 4.56
C ALA D 23 26.67 16.91 5.86
N ALA D 24 26.39 18.05 6.48
CA ALA D 24 27.18 18.51 7.60
C ALA D 24 26.70 17.97 8.94
N SER D 25 25.58 17.25 8.99
CA SER D 25 25.09 16.74 10.25
C SER D 25 24.21 15.53 10.01
N GLY D 26 23.83 14.87 11.10
CA GLY D 26 22.84 13.80 11.09
C GLY D 26 23.09 12.74 10.05
N ILE D 27 22.01 12.37 9.35
CA ILE D 27 22.08 11.32 8.33
C ILE D 27 23.05 11.71 7.23
N GLY D 28 23.06 13.00 6.86
CA GLY D 28 23.95 13.43 5.78
C GLY D 28 25.41 13.21 6.11
N ALA D 29 25.81 13.61 7.32
CA ALA D 29 27.20 13.41 7.73
C ALA D 29 27.57 11.94 7.78
N ALA D 30 26.68 11.11 8.36
CA ALA D 30 26.95 9.68 8.41
C ALA D 30 27.07 9.09 7.01
N THR D 31 26.24 9.54 6.07
CA THR D 31 26.30 9.03 4.70
C THR D 31 27.60 9.46 4.00
N ALA D 32 27.98 10.72 4.16
CA ALA D 32 29.25 11.19 3.59
C ALA D 32 30.43 10.39 4.13
N ARG D 33 30.47 10.18 5.45
CA ARG D 33 31.56 9.40 6.05
C ARG D 33 31.58 7.98 5.50
N LEU D 34 30.43 7.32 5.50
CA LEU D 34 30.40 5.90 5.14
C LEU D 34 30.74 5.70 3.67
N MET D 35 30.22 6.56 2.79
CA MET D 35 30.55 6.45 1.37
C MET D 35 32.02 6.71 1.11
N ALA D 36 32.60 7.69 1.83
CA ALA D 36 34.04 7.91 1.70
C ALA D 36 34.81 6.68 2.17
N GLN D 37 34.40 6.12 3.32
CA GLN D 37 34.99 4.89 3.80
C GLN D 37 34.82 3.76 2.80
N GLU D 38 33.72 3.76 2.03
CA GLU D 38 33.49 2.77 0.99
C GLU D 38 34.22 3.10 -0.31
N GLY D 39 35.07 4.12 -0.33
CA GLY D 39 35.91 4.39 -1.47
C GLY D 39 35.40 5.44 -2.42
N ALA D 40 34.36 6.17 -2.05
CA ALA D 40 33.78 7.15 -2.95
C ALA D 40 34.50 8.50 -2.83
N PHE D 41 34.49 9.25 -3.94
CA PHE D 41 34.77 10.67 -3.90
C PHE D 41 33.47 11.38 -3.54
N VAL D 42 33.47 12.13 -2.44
CA VAL D 42 32.24 12.71 -1.90
C VAL D 42 32.29 14.22 -2.05
N VAL D 43 31.23 14.79 -2.62
CA VAL D 43 30.99 16.23 -2.58
C VAL D 43 29.94 16.47 -1.52
N LEU D 44 30.32 17.22 -0.49
CA LEU D 44 29.44 17.52 0.64
C LEU D 44 28.71 18.82 0.38
N ALA D 45 27.39 18.77 0.38
CA ALA D 45 26.56 19.93 0.13
C ALA D 45 25.75 20.25 1.38
N ASP D 46 25.79 21.51 1.82
CA ASP D 46 25.04 21.93 3.00
C ASP D 46 25.11 23.46 3.07
N VAL D 47 24.29 24.02 3.94
CA VAL D 47 24.35 25.46 4.22
C VAL D 47 25.22 25.78 5.41
N ASP D 48 25.70 24.77 6.14
CA ASP D 48 26.59 24.98 7.29
C ASP D 48 28.02 24.93 6.79
N GLU D 49 28.58 26.11 6.50
CA GLU D 49 29.91 26.17 5.91
C GLU D 49 30.97 25.72 6.91
N HIS D 50 30.85 26.15 8.17
CA HIS D 50 31.85 25.79 9.17
C HIS D 50 31.90 24.28 9.36
N ALA D 51 30.76 23.66 9.69
CA ALA D 51 30.74 22.21 9.88
C ALA D 51 31.02 21.46 8.59
N GLY D 52 30.48 21.95 7.47
CA GLY D 52 30.70 21.26 6.20
C GLY D 52 32.16 21.23 5.80
N GLN D 53 32.87 22.35 5.96
CA GLN D 53 34.29 22.40 5.64
C GLN D 53 35.10 21.48 6.56
N ALA D 54 34.73 21.42 7.84
CA ALA D 54 35.46 20.59 8.79
C ALA D 54 35.34 19.11 8.42
N LEU D 55 34.14 18.67 8.02
CA LEU D 55 33.96 17.28 7.61
C LEU D 55 34.69 16.99 6.31
N ALA D 56 34.70 17.95 5.38
CA ALA D 56 35.46 17.78 4.15
C ALA D 56 36.96 17.63 4.46
N ARG D 57 37.44 18.38 5.45
CA ARG D 57 38.85 18.23 5.83
CA ARG D 57 38.84 18.25 5.87
C ARG D 57 39.11 16.85 6.41
N GLU D 58 38.15 16.31 7.16
CA GLU D 58 38.32 15.02 7.82
C GLU D 58 38.34 13.87 6.84
N LEU D 59 37.48 13.90 5.83
CA LEU D 59 37.31 12.77 4.92
C LEU D 59 38.30 12.87 3.76
N ARG D 60 38.88 11.73 3.39
CA ARG D 60 39.78 11.69 2.26
C ARG D 60 39.02 11.93 0.96
N ASP D 61 39.54 12.86 0.14
CA ASP D 61 39.04 13.14 -1.21
C ASP D 61 37.66 13.77 -1.22
N ALA D 62 37.24 14.39 -0.11
CA ALA D 62 35.95 15.07 -0.04
C ALA D 62 36.13 16.57 -0.25
N THR D 63 35.09 17.21 -0.78
CA THR D 63 35.05 18.66 -0.91
C THR D 63 33.69 19.16 -0.47
N PHE D 64 33.63 20.41 -0.03
CA PHE D 64 32.40 21.03 0.43
C PHE D 64 31.90 22.04 -0.60
N ALA D 65 30.58 22.08 -0.79
CA ALA D 65 29.95 23.03 -1.70
C ALA D 65 28.71 23.59 -1.02
N TYR D 66 28.72 24.90 -0.73
CA TYR D 66 27.58 25.53 -0.11
C TYR D 66 26.34 25.32 -0.98
N THR D 67 25.29 24.74 -0.41
CA THR D 67 24.12 24.40 -1.20
C THR D 67 22.89 24.48 -0.33
N ASP D 68 22.02 25.43 -0.64
CA ASP D 68 20.67 25.49 -0.11
C ASP D 68 19.77 24.78 -1.12
N VAL D 69 19.28 23.59 -0.77
CA VAL D 69 18.55 22.79 -1.76
C VAL D 69 17.22 23.40 -2.15
N SER D 70 16.72 24.40 -1.41
CA SER D 70 15.52 25.08 -1.85
C SER D 70 15.78 26.03 -3.02
N VAL D 71 17.03 26.23 -3.41
CA VAL D 71 17.42 27.15 -4.49
C VAL D 71 17.95 26.31 -5.64
N GLU D 72 17.20 26.25 -6.74
CA GLU D 72 17.57 25.32 -7.81
C GLU D 72 18.98 25.57 -8.34
N ALA D 73 19.35 26.85 -8.50
CA ALA D 73 20.65 27.16 -9.08
C ALA D 73 21.79 26.59 -8.24
N GLN D 74 21.63 26.58 -6.92
CA GLN D 74 22.68 26.03 -6.06
C GLN D 74 22.76 24.52 -6.16
N VAL D 75 21.62 23.85 -6.30
CA VAL D 75 21.63 22.40 -6.53
C VAL D 75 22.32 22.09 -7.87
N ALA D 76 21.96 22.83 -8.92
CA ALA D 76 22.60 22.65 -10.22
C ALA D 76 24.10 22.92 -10.14
N ALA D 77 24.49 23.96 -9.39
CA ALA D 77 25.91 24.28 -9.27
C ALA D 77 26.67 23.18 -8.53
N ALA D 78 26.04 22.56 -7.54
CA ALA D 78 26.70 21.48 -6.82
C ALA D 78 26.96 20.29 -7.74
N VAL D 79 25.95 19.92 -8.55
CA VAL D 79 26.14 18.88 -9.55
C VAL D 79 27.25 19.26 -10.52
N ASP D 80 27.21 20.50 -11.01
CA ASP D 80 28.25 20.96 -11.93
C ASP D 80 29.64 20.92 -11.29
N GLU D 81 29.73 21.29 -10.01
CA GLU D 81 31.03 21.23 -9.33
C GLU D 81 31.53 19.80 -9.20
N ALA D 82 30.64 18.86 -8.87
CA ALA D 82 31.04 17.45 -8.86
C ALA D 82 31.58 17.03 -10.22
N LEU D 83 30.91 17.44 -11.31
CA LEU D 83 31.38 17.08 -12.64
C LEU D 83 32.72 17.75 -12.95
N ARG D 84 32.88 19.02 -12.56
CA ARG D 84 34.16 19.71 -12.81
C ARG D 84 35.30 19.03 -12.07
N LEU D 85 35.05 18.61 -10.82
CA LEU D 85 36.11 18.00 -10.01
C LEU D 85 36.43 16.59 -10.45
N HIS D 86 35.43 15.79 -10.82
CA HIS D 86 35.65 14.37 -11.05
C HIS D 86 35.20 13.85 -12.41
N GLY D 87 34.51 14.66 -13.22
CA GLY D 87 34.14 14.23 -14.56
C GLY D 87 32.97 13.27 -14.64
N ARG D 88 32.29 12.98 -13.52
CA ARG D 88 31.17 12.05 -13.48
C ARG D 88 30.46 12.19 -12.14
N LEU D 89 29.19 11.78 -12.11
CA LEU D 89 28.39 11.70 -10.89
C LEU D 89 27.68 10.36 -10.85
N ASP D 90 28.00 9.53 -9.87
CA ASP D 90 27.43 8.20 -9.76
C ASP D 90 26.26 8.11 -8.80
N CYS D 91 26.25 8.92 -7.74
CA CYS D 91 25.21 8.81 -6.74
C CYS D 91 24.82 10.19 -6.23
N MET D 92 23.52 10.46 -6.24
CA MET D 92 22.98 11.70 -5.70
C MET D 92 22.13 11.35 -4.49
N VAL D 93 22.37 12.03 -3.38
CA VAL D 93 21.61 11.79 -2.14
C VAL D 93 20.89 13.08 -1.78
N ASN D 94 19.58 13.08 -1.94
CA ASN D 94 18.75 14.24 -1.57
C ASN D 94 18.37 14.08 -0.11
N ASN D 95 19.10 14.78 0.78
CA ASN D 95 18.89 14.64 2.22
C ASN D 95 18.81 16.02 2.87
N ALA D 96 17.89 16.17 3.82
CA ALA D 96 17.77 17.41 4.58
C ALA D 96 17.38 17.09 6.01
N GLY D 97 18.14 17.59 6.97
CA GLY D 97 17.77 17.48 8.37
C GLY D 97 16.86 18.62 8.76
N PHE D 98 15.57 18.51 8.44
CA PHE D 98 14.67 19.64 8.43
C PHE D 98 13.24 19.16 8.63
N VAL D 99 12.46 19.89 9.44
CA VAL D 99 11.07 19.52 9.71
C VAL D 99 10.09 20.57 9.20
N GLY D 100 10.30 21.83 9.57
CA GLY D 100 9.46 22.91 9.03
C GLY D 100 8.22 23.14 9.88
N ALA D 101 7.07 23.26 9.22
CA ALA D 101 5.85 23.69 9.88
C ALA D 101 5.34 22.64 10.85
N TYR D 102 4.84 23.08 12.01
CA TYR D 102 4.21 22.18 12.96
C TYR D 102 2.99 22.84 13.59
N GLY D 103 2.19 22.03 14.29
CA GLY D 103 0.94 22.51 14.86
C GLY D 103 -0.27 22.24 13.97
N SER D 104 -1.40 22.84 14.36
CA SER D 104 -2.68 22.48 13.76
C SER D 104 -2.80 22.89 12.29
N ILE D 105 -3.42 22.04 11.48
CA ILE D 105 -3.65 22.42 10.09
C ILE D 105 -4.56 23.65 10.03
N LEU D 106 -5.40 23.87 11.06
CA LEU D 106 -6.27 25.04 11.07
C LEU D 106 -5.48 26.34 11.11
N GLU D 107 -4.23 26.31 11.57
CA GLU D 107 -3.47 27.53 11.77
CA GLU D 107 -3.44 27.50 11.82
C GLU D 107 -2.16 27.57 11.00
N THR D 108 -1.91 26.61 10.12
CA THR D 108 -0.66 26.60 9.38
C THR D 108 -0.74 27.66 8.28
N SER D 109 0.22 28.58 8.27
CA SER D 109 0.21 29.65 7.27
C SER D 109 0.70 29.12 5.92
N ALA D 110 0.27 29.79 4.85
CA ALA D 110 0.80 29.41 3.55
C ALA D 110 2.32 29.56 3.50
N ALA D 111 2.85 30.59 4.17
CA ALA D 111 4.29 30.81 4.14
C ALA D 111 5.04 29.64 4.78
N ALA D 112 4.56 29.16 5.93
CA ALA D 112 5.19 28.01 6.58
C ALA D 112 5.06 26.76 5.73
N TRP D 113 3.89 26.57 5.10
CA TRP D 113 3.68 25.46 4.18
C TRP D 113 4.70 25.48 3.05
N HIS D 114 4.81 26.62 2.36
CA HIS D 114 5.71 26.76 1.22
C HIS D 114 7.18 26.61 1.63
N ALA D 115 7.55 27.21 2.76
CA ALA D 115 8.93 27.06 3.26
C ALA D 115 9.27 25.60 3.49
N THR D 116 8.33 24.83 4.05
CA THR D 116 8.59 23.40 4.29
C THR D 116 8.75 22.64 2.98
N LEU D 117 7.82 22.84 2.05
CA LEU D 117 7.89 22.11 0.78
C LEU D 117 9.09 22.54 -0.06
N GLY D 118 9.56 23.77 0.13
CA GLY D 118 10.73 24.23 -0.61
C GLY D 118 11.96 23.41 -0.32
N VAL D 119 12.18 23.05 0.94
CA VAL D 119 13.31 22.22 1.31
C VAL D 119 13.00 20.75 1.06
N LEU D 120 11.89 20.26 1.60
CA LEU D 120 11.67 18.82 1.64
C LEU D 120 11.20 18.26 0.31
N LEU D 121 10.56 19.07 -0.54
CA LEU D 121 10.07 18.58 -1.81
C LEU D 121 10.75 19.24 -3.00
N ASP D 122 10.78 20.57 -3.08
CA ASP D 122 11.49 21.20 -4.19
C ASP D 122 12.94 20.76 -4.23
N GLY D 123 13.58 20.65 -3.07
CA GLY D 123 14.97 20.22 -3.05
C GLY D 123 15.16 18.87 -3.71
N VAL D 124 14.22 17.95 -3.50
CA VAL D 124 14.30 16.64 -4.12
C VAL D 124 14.09 16.73 -5.62
N PHE D 125 13.08 17.49 -6.06
CA PHE D 125 12.88 17.70 -7.49
C PHE D 125 14.11 18.29 -8.17
N TYR D 126 14.68 19.36 -7.59
CA TYR D 126 15.87 19.95 -8.20
C TYR D 126 17.03 18.96 -8.22
N GLY D 127 17.18 18.18 -7.14
CA GLY D 127 18.25 17.20 -7.10
C GLY D 127 18.09 16.11 -8.14
N ILE D 128 16.87 15.57 -8.28
CA ILE D 128 16.64 14.54 -9.30
C ILE D 128 16.84 15.11 -10.69
N LYS D 129 16.28 16.29 -10.95
CA LYS D 129 16.38 16.92 -12.27
C LYS D 129 17.83 17.08 -12.72
N HIS D 130 18.66 17.69 -11.86
CA HIS D 130 20.02 18.04 -12.27
C HIS D 130 20.99 16.87 -12.19
N ALA D 131 20.83 15.99 -11.20
CA ALA D 131 21.61 14.75 -11.19
C ALA D 131 21.29 13.89 -12.40
N ALA D 132 20.01 13.81 -12.79
CA ALA D 132 19.64 12.98 -13.92
C ALA D 132 20.25 13.52 -15.21
N ARG D 133 20.33 14.84 -15.35
CA ARG D 133 20.98 15.43 -16.50
C ARG D 133 22.40 14.87 -16.66
N ALA D 134 23.16 14.80 -15.56
CA ALA D 134 24.50 14.24 -15.63
C ALA D 134 24.47 12.74 -15.90
N MET D 135 23.53 12.03 -15.28
CA MET D 135 23.61 10.58 -15.28
C MET D 135 23.12 9.96 -16.59
N VAL D 136 22.11 10.55 -17.24
CA VAL D 136 21.63 9.98 -18.49
C VAL D 136 22.70 10.04 -19.57
N LYS D 137 23.61 11.02 -19.50
CA LYS D 137 24.74 11.02 -20.42
C LYS D 137 25.67 9.84 -20.13
N GLN D 138 25.89 9.52 -18.84
CA GLN D 138 26.70 8.36 -18.49
C GLN D 138 26.03 7.05 -18.88
N GLY D 139 24.69 7.02 -18.89
CA GLY D 139 23.99 5.76 -18.98
C GLY D 139 23.95 4.98 -17.68
N SER D 140 24.19 5.64 -16.55
CA SER D 140 24.23 4.95 -15.28
C SER D 140 24.14 5.99 -14.17
N GLY D 141 23.78 5.53 -13.00
CA GLY D 141 23.68 6.41 -11.87
C GLY D 141 22.59 5.98 -10.93
N CYS D 142 22.64 6.54 -9.72
CA CYS D 142 21.74 6.19 -8.63
C CYS D 142 21.32 7.49 -7.94
N ILE D 143 20.03 7.78 -7.93
CA ILE D 143 19.49 8.96 -7.23
C ILE D 143 18.71 8.47 -6.03
N LEU D 144 19.09 8.92 -4.84
CA LEU D 144 18.52 8.43 -3.58
C LEU D 144 18.02 9.61 -2.77
N SER D 145 16.84 9.47 -2.19
CA SER D 145 16.26 10.53 -1.37
C SER D 145 15.97 9.99 0.03
N VAL D 146 16.31 10.79 1.04
CA VAL D 146 15.99 10.45 2.42
C VAL D 146 14.58 10.96 2.68
N ALA D 147 13.60 10.06 2.65
CA ALA D 147 12.23 10.41 2.94
C ALA D 147 12.00 10.22 4.44
N SER D 148 11.01 9.41 4.82
CA SER D 148 10.61 9.19 6.21
C SER D 148 9.44 8.22 6.16
N THR D 149 9.19 7.51 7.28
CA THR D 149 7.95 6.77 7.37
C THR D 149 6.73 7.68 7.28
N ALA D 150 6.89 8.97 7.60
CA ALA D 150 5.81 9.93 7.37
C ALA D 150 5.48 10.08 5.90
N GLY D 151 6.31 9.56 4.99
CA GLY D 151 5.95 9.51 3.59
C GLY D 151 5.12 8.30 3.19
N VAL D 152 4.93 7.36 4.09
CA VAL D 152 4.15 6.16 3.81
C VAL D 152 2.87 6.07 4.63
N MET D 153 2.74 6.84 5.71
CA MET D 153 1.46 6.90 6.41
C MET D 153 1.38 8.18 7.23
N GLY D 154 0.14 8.50 7.65
CA GLY D 154 -0.12 9.67 8.46
C GLY D 154 0.02 9.40 9.92
N GLY D 155 -0.03 10.48 10.70
CA GLY D 155 0.03 10.38 12.14
C GLY D 155 1.41 10.22 12.72
N LEU D 156 2.44 10.31 11.89
CA LEU D 156 3.82 10.12 12.34
C LEU D 156 4.64 11.39 12.30
N GLY D 157 4.14 12.46 11.69
CA GLY D 157 4.82 13.73 11.66
C GLY D 157 3.87 14.86 11.32
N PRO D 158 4.36 16.10 11.32
CA PRO D 158 3.51 17.25 10.98
C PRO D 158 2.89 17.12 9.59
N HIS D 159 1.89 17.97 9.36
CA HIS D 159 1.09 17.91 8.14
C HIS D 159 1.93 18.22 6.90
N ALA D 160 2.69 19.31 6.93
CA ALA D 160 3.50 19.65 5.76
C ALA D 160 4.61 18.63 5.55
N TYR D 161 5.26 18.22 6.64
CA TYR D 161 6.27 17.15 6.55
C TYR D 161 5.69 15.90 5.90
N THR D 162 4.52 15.45 6.37
CA THR D 162 3.94 14.20 5.88
C THR D 162 3.54 14.33 4.40
N SER D 163 2.98 15.49 4.02
CA SER D 163 2.62 15.69 2.62
CA SER D 163 2.62 15.69 2.62
C SER D 163 3.86 15.74 1.75
N ALA D 164 4.88 16.49 2.16
CA ALA D 164 6.11 16.58 1.37
C ALA D 164 6.76 15.20 1.24
N LYS D 165 6.79 14.42 2.32
CA LYS D 165 7.46 13.11 2.26
C LYS D 165 6.68 12.13 1.40
N HIS D 166 5.34 12.18 1.44
CA HIS D 166 4.57 11.41 0.45
C HIS D 166 4.89 11.86 -0.97
N ALA D 167 5.02 13.17 -1.17
CA ALA D 167 5.35 13.69 -2.50
C ALA D 167 6.70 13.19 -2.96
N VAL D 168 7.67 13.10 -2.04
CA VAL D 168 9.01 12.60 -2.38
C VAL D 168 8.93 11.14 -2.82
N ILE D 169 8.14 10.32 -2.11
CA ILE D 169 7.90 8.96 -2.58
C ILE D 169 7.27 8.97 -3.97
N GLY D 170 6.21 9.75 -4.16
CA GLY D 170 5.61 9.82 -5.48
C GLY D 170 6.59 10.24 -6.57
N LEU D 171 7.40 11.27 -6.30
CA LEU D 171 8.38 11.73 -7.27
C LEU D 171 9.47 10.69 -7.50
N THR D 172 9.89 9.97 -6.46
CA THR D 172 10.83 8.87 -6.61
C THR D 172 10.30 7.85 -7.62
N ARG D 173 9.05 7.40 -7.44
CA ARG D 173 8.48 6.39 -8.33
C ARG D 173 8.32 6.95 -9.74
N SER D 174 7.88 8.21 -9.86
CA SER D 174 7.66 8.78 -11.18
C SER D 174 8.98 8.97 -11.92
N ALA D 175 9.97 9.52 -11.23
CA ALA D 175 11.28 9.71 -11.87
C ALA D 175 11.86 8.38 -12.32
N ALA D 176 11.71 7.33 -11.50
CA ALA D 176 12.22 6.01 -11.88
C ALA D 176 11.59 5.53 -13.17
N SER D 177 10.29 5.81 -13.38
CA SER D 177 9.68 5.32 -14.59
C SER D 177 10.21 6.03 -15.83
N GLU D 178 10.63 7.30 -15.71
CA GLU D 178 11.31 7.92 -16.85
C GLU D 178 12.75 7.43 -16.98
N LEU D 179 13.49 7.37 -15.87
CA LEU D 179 14.93 7.22 -15.93
C LEU D 179 15.44 5.78 -16.00
N ALA D 180 14.62 4.80 -15.61
CA ALA D 180 15.08 3.40 -15.69
C ALA D 180 15.51 3.01 -17.09
N PRO D 181 14.76 3.30 -18.16
CA PRO D 181 15.26 2.95 -19.51
C PRO D 181 16.52 3.67 -19.91
N ARG D 182 16.88 4.76 -19.22
CA ARG D 182 18.12 5.47 -19.46
C ARG D 182 19.28 4.90 -18.65
N GLY D 183 19.06 3.84 -17.87
CA GLY D 183 20.08 3.24 -17.06
C GLY D 183 20.26 3.81 -15.67
N VAL D 184 19.33 4.66 -15.20
CA VAL D 184 19.48 5.37 -13.93
C VAL D 184 18.42 4.86 -12.95
N ARG D 185 18.85 4.55 -11.74
CA ARG D 185 17.93 4.10 -10.70
C ARG D 185 17.56 5.27 -9.78
N VAL D 186 16.32 5.23 -9.28
CA VAL D 186 15.82 6.23 -8.33
C VAL D 186 15.13 5.47 -7.20
N ASN D 187 15.57 5.72 -5.95
CA ASN D 187 15.06 5.02 -4.78
C ASN D 187 14.98 5.99 -3.63
N ALA D 188 14.34 5.53 -2.55
CA ALA D 188 14.23 6.31 -1.33
C ALA D 188 14.49 5.41 -0.13
N VAL D 189 14.96 6.01 0.95
CA VAL D 189 15.01 5.35 2.26
CA VAL D 189 15.01 5.35 2.25
C VAL D 189 14.04 6.08 3.17
N ALA D 190 13.32 5.31 4.00
CA ALA D 190 12.33 5.88 4.91
C ALA D 190 12.71 5.53 6.35
N PRO D 191 13.56 6.34 6.98
CA PRO D 191 13.84 6.16 8.40
C PRO D 191 12.59 6.38 9.23
N GLY D 192 12.53 5.66 10.34
CA GLY D 192 11.51 5.96 11.32
C GLY D 192 11.72 7.33 11.92
N THR D 193 10.62 7.90 12.41
CA THR D 193 10.65 9.19 13.09
C THR D 193 11.17 8.99 14.51
N THR D 194 12.38 8.46 14.59
CA THR D 194 13.01 8.10 15.85
C THR D 194 14.53 8.03 15.66
N SER D 217 12.62 1.76 20.40
CA SER D 217 12.03 1.03 19.28
C SER D 217 11.55 -0.34 19.76
N PRO D 218 10.78 -1.06 18.91
CA PRO D 218 10.41 -2.44 19.27
C PRO D 218 11.61 -3.38 19.45
N LEU D 219 12.74 -3.10 18.80
CA LEU D 219 13.96 -3.88 18.96
C LEU D 219 14.81 -3.43 20.15
N GLY D 220 14.38 -2.35 20.84
CA GLY D 220 14.97 -1.93 22.11
C GLY D 220 16.19 -1.05 22.02
N THR D 221 16.82 -0.92 20.86
CA THR D 221 17.97 -0.04 20.74
C THR D 221 17.65 1.08 19.76
N PRO D 222 18.25 2.27 19.93
CA PRO D 222 17.83 3.40 19.09
C PRO D 222 18.47 3.35 17.71
N LEU D 223 17.66 3.74 16.73
CA LEU D 223 18.11 3.82 15.36
C LEU D 223 19.14 4.94 15.21
N MET D 224 20.29 4.62 14.60
CA MET D 224 21.40 5.55 14.46
C MET D 224 21.54 6.02 13.01
N PRO D 225 22.00 7.26 12.80
CA PRO D 225 22.18 7.74 11.41
C PRO D 225 23.11 6.87 10.58
N GLN D 226 24.05 6.18 11.23
CA GLN D 226 24.95 5.29 10.51
CA GLN D 226 24.94 5.29 10.50
C GLN D 226 24.17 4.16 9.81
N GLU D 227 23.05 3.74 10.39
CA GLU D 227 22.26 2.67 9.78
C GLU D 227 21.54 3.15 8.53
N ILE D 228 21.10 4.41 8.53
CA ILE D 228 20.52 4.99 7.33
C ILE D 228 21.59 5.13 6.26
N ALA D 229 22.79 5.56 6.64
CA ALA D 229 23.92 5.57 5.72
C ALA D 229 24.14 4.20 5.10
N ALA D 230 24.05 3.13 5.91
CA ALA D 230 24.28 1.79 5.38
C ALA D 230 23.17 1.38 4.42
N ALA D 231 21.93 1.82 4.67
CA ALA D 231 20.85 1.55 3.73
C ALA D 231 21.09 2.23 2.39
N LEU D 232 21.55 3.48 2.43
CA LEU D 232 21.86 4.21 1.19
C LEU D 232 23.01 3.56 0.45
N VAL D 233 24.06 3.15 1.17
CA VAL D 233 25.20 2.50 0.51
C VAL D 233 24.76 1.20 -0.15
N TYR D 234 23.94 0.40 0.54
CA TYR D 234 23.36 -0.78 -0.10
C TYR D 234 22.66 -0.42 -1.41
N LEU D 235 21.76 0.58 -1.38
CA LEU D 235 21.01 0.95 -2.59
C LEU D 235 21.91 1.50 -3.68
N ALA D 236 23.01 2.18 -3.31
CA ALA D 236 23.93 2.73 -4.30
C ALA D 236 24.88 1.68 -4.87
N SER D 237 25.02 0.53 -4.22
CA SER D 237 25.99 -0.48 -4.61
C SER D 237 25.50 -1.28 -5.81
N ASP D 238 26.43 -1.95 -6.49
CA ASP D 238 26.04 -2.78 -7.61
C ASP D 238 25.12 -3.93 -7.20
N ASP D 239 25.15 -4.33 -5.92
CA ASP D 239 24.21 -5.33 -5.41
C ASP D 239 22.76 -4.91 -5.66
N ALA D 240 22.50 -3.60 -5.63
CA ALA D 240 21.14 -3.10 -5.74
C ALA D 240 20.81 -2.60 -7.14
N ARG D 241 21.51 -3.09 -8.17
CA ARG D 241 21.30 -2.54 -9.51
C ARG D 241 19.90 -2.84 -10.06
N HIS D 242 19.15 -3.78 -9.48
CA HIS D 242 17.78 -4.02 -9.87
C HIS D 242 16.78 -3.64 -8.79
N VAL D 243 17.23 -2.95 -7.75
CA VAL D 243 16.32 -2.30 -6.81
C VAL D 243 16.04 -0.92 -7.38
N ASN D 244 14.80 -0.67 -7.75
CA ASN D 244 14.49 0.60 -8.39
C ASN D 244 13.09 1.00 -7.99
N ALA D 245 12.91 2.31 -7.80
CA ALA D 245 11.66 2.92 -7.35
C ALA D 245 11.23 2.40 -5.98
N HIS D 246 12.14 1.82 -5.21
CA HIS D 246 11.78 1.20 -3.94
C HIS D 246 11.93 2.22 -2.81
N THR D 247 11.12 2.03 -1.76
CA THR D 247 11.23 2.76 -0.49
C THR D 247 11.69 1.76 0.56
N LEU D 248 12.96 1.85 0.91
CA LEU D 248 13.57 0.97 1.89
C LEU D 248 13.27 1.53 3.28
N VAL D 249 12.41 0.85 4.03
CA VAL D 249 11.90 1.35 5.31
C VAL D 249 12.80 0.84 6.42
N VAL D 250 13.26 1.74 7.28
CA VAL D 250 14.14 1.40 8.41
C VAL D 250 13.48 1.99 9.66
N ASP D 251 12.56 1.22 10.26
CA ASP D 251 11.81 1.79 11.39
C ASP D 251 11.47 0.74 12.45
N SER D 252 12.17 -0.39 12.49
CA SER D 252 11.93 -1.48 13.42
C SER D 252 10.54 -2.10 13.25
N GLY D 253 9.88 -1.86 12.11
CA GLY D 253 8.58 -2.45 11.85
C GLY D 253 7.38 -1.69 12.36
N VAL D 254 7.56 -0.44 12.80
CA VAL D 254 6.47 0.28 13.46
C VAL D 254 5.31 0.50 12.49
N THR D 255 5.59 0.86 11.24
CA THR D 255 4.51 1.24 10.35
C THR D 255 3.66 0.06 9.88
N VAL D 256 4.24 -1.14 9.76
CA VAL D 256 3.50 -2.28 9.23
C VAL D 256 3.29 -3.40 10.23
N ALA D 257 3.93 -3.32 11.42
CA ALA D 257 3.90 -4.36 12.44
C ALA D 257 4.02 -3.75 13.85
N GLY D 258 2.98 -3.06 14.32
CA GLY D 258 3.01 -2.56 15.70
C GLY D 258 3.19 -3.62 16.78
N ALA D 259 4.36 -3.61 17.44
CA ALA D 259 4.62 -4.65 18.44
C ALA D 259 3.81 -4.43 19.71
N SER D 260 3.55 -3.17 20.08
CA SER D 260 2.68 -2.89 21.21
C SER D 260 1.28 -3.41 20.96
N GLY D 261 0.70 -3.04 19.81
CA GLY D 261 -0.64 -3.52 19.50
C GLY D 261 -0.74 -5.02 19.32
N GLY D 262 0.35 -5.65 18.88
CA GLY D 262 0.31 -7.08 18.62
C GLY D 262 0.17 -7.93 19.87
N ALA D 263 0.66 -7.42 21.01
CA ALA D 263 0.77 -8.24 22.22
C ALA D 263 -0.57 -8.82 22.66
N VAL D 264 -1.68 -8.11 22.42
CA VAL D 264 -2.96 -8.62 22.89
C VAL D 264 -3.36 -9.87 22.13
N PHE D 265 -2.83 -10.07 20.93
CA PHE D 265 -3.11 -11.28 20.18
C PHE D 265 -2.01 -12.32 20.31
N HIS D 266 -0.75 -11.91 20.46
CA HIS D 266 0.35 -12.84 20.31
C HIS D 266 0.96 -13.28 21.62
N ASN D 267 1.00 -12.40 22.61
CA ASN D 267 1.73 -12.65 23.86
C ASN D 267 0.86 -13.41 24.85
N ARG D 268 0.36 -14.55 24.40
CA ARG D 268 -0.64 -15.34 25.09
C ARG D 268 -0.30 -16.80 24.86
N PRO D 269 -0.64 -17.69 25.79
CA PRO D 269 -0.56 -19.14 25.49
C PRO D 269 -1.37 -19.48 24.25
N ALA D 270 -0.76 -20.24 23.35
CA ALA D 270 -1.42 -20.57 22.08
C ALA D 270 -2.77 -21.21 22.34
N GLY D 271 -3.80 -20.70 21.67
CA GLY D 271 -5.14 -21.22 21.85
C GLY D 271 -5.93 -21.15 20.56
N PHE D 272 -7.22 -21.47 20.62
CA PHE D 272 -8.02 -21.48 19.41
C PHE D 272 -9.42 -21.01 19.77
N MET D 273 -9.92 -20.01 19.06
CA MET D 273 -11.29 -19.52 19.19
C MET D 273 -12.13 -20.03 18.02
N GLY D 274 -13.08 -20.93 18.29
CA GLY D 274 -14.02 -21.37 17.28
C GLY D 274 -14.05 -22.88 17.14
N ARG D 275 -14.72 -23.35 16.08
CA ARG D 275 -14.92 -24.77 15.81
C ARG D 275 -13.75 -25.35 15.02
N MET D 276 -13.00 -26.25 15.64
CA MET D 276 -12.05 -27.07 14.90
C MET D 276 -12.80 -28.11 14.07
N PRO D 277 -12.20 -28.59 12.97
CA PRO D 277 -12.84 -29.67 12.20
C PRO D 277 -12.60 -31.06 12.80
C1 GOL E . 14.44 -25.35 18.34
O1 GOL E . 14.79 -24.82 19.59
C2 GOL E . 13.18 -26.19 18.48
O2 GOL E . 13.52 -27.48 18.96
C3 GOL E . 12.47 -26.29 17.14
O3 GOL E . 11.23 -26.94 17.34
C1 GOL F . 31.20 -25.17 13.58
O1 GOL F . 32.41 -25.88 13.57
C2 GOL F . 31.04 -24.46 14.92
O2 GOL F . 29.91 -24.96 15.58
C3 GOL F . 30.83 -22.97 14.66
O3 GOL F . 31.13 -22.24 15.82
C1 GOL G . -20.65 -24.31 -9.30
O1 GOL G . -19.57 -25.23 -9.29
C2 GOL G . -21.27 -24.35 -10.70
O2 GOL G . -22.09 -25.49 -10.81
C3 GOL G . -22.04 -23.07 -10.98
O3 GOL G . -22.36 -23.02 -12.37
C1 GOL H . -12.37 30.28 6.61
O1 GOL H . -11.05 30.67 6.93
C2 GOL H . -13.20 30.43 7.87
O2 GOL H . -13.93 31.64 7.82
C3 GOL H . -14.12 29.23 8.06
O3 GOL H . -14.77 29.36 9.31
C1 GOL I . 24.56 18.32 -15.41
O1 GOL I . 24.94 17.80 -16.67
C2 GOL I . 23.94 19.70 -15.63
O2 GOL I . 24.98 20.63 -15.89
C3 GOL I . 23.14 20.10 -14.39
O3 GOL I . 22.18 21.08 -14.72
#